data_5YCO
#
_entry.id   5YCO
#
_cell.length_a   202.514
_cell.length_b   202.514
_cell.length_c   123.937
_cell.angle_alpha   90.000
_cell.angle_beta   90.000
_cell.angle_gamma   120.000
#
_symmetry.space_group_name_H-M   'H 3'
#
loop_
_entity.id
_entity.type
_entity.pdbx_description
1 polymer 'Proliferating cell nuclear antigen'
2 polymer 'E3 ubiquitin-protein ligase UHRF2'
3 non-polymer GLYCEROL
4 non-polymer 'SULFATE ION'
5 water water
#
loop_
_entity_poly.entity_id
_entity_poly.type
_entity_poly.pdbx_seq_one_letter_code
_entity_poly.pdbx_strand_id
1 'polypeptide(L)'
;MFEARLVQGSILKKVLEALKDLINEACWDISSSGVNLQSMDSSHVSLVQLTLRSEGFDTYRCDRNLAMGVNLTSMSKILK
CAGNEDIITLRAEDNADTLALVFEAPNQEKVSDYEMKLMDLDVEQLGIPEQEYSCVVKMPSGEFARICRDLSHIGDAVVI
SCAKDGVKFSASGELGNGNIKLSQTSNVDKEEEAVTIEMNEPVQLTFALRYLNFFTKATPLSSTVTLSMSADVPLVVEYK
IADMGHLKYYLAPKIEDEEGSLEHHHHHH
;
A,B,C,D
2 'polypeptide(L)' NEILQTLLDLFFPGYSK E,F
#
loop_
_chem_comp.id
_chem_comp.type
_chem_comp.name
_chem_comp.formula
GOL non-polymer GLYCEROL 'C3 H8 O3'
SO4 non-polymer 'SULFATE ION' 'O4 S -2'
#
# COMPACT_ATOMS: atom_id res chain seq x y z
N MET A 1 -1.11 27.55 -23.04
CA MET A 1 -2.44 27.00 -22.81
C MET A 1 -2.45 25.54 -23.19
N PHE A 2 -2.89 24.74 -22.24
CA PHE A 2 -3.02 23.31 -22.40
C PHE A 2 -4.39 22.92 -21.87
N GLU A 3 -5.04 21.99 -22.54
CA GLU A 3 -6.34 21.55 -22.08
C GLU A 3 -6.60 20.15 -22.60
N ALA A 4 -6.94 19.24 -21.71
CA ALA A 4 -7.22 17.86 -22.09
C ALA A 4 -8.49 17.40 -21.37
N ARG A 5 -9.43 16.86 -22.13
CA ARG A 5 -10.70 16.40 -21.62
C ARG A 5 -10.73 14.88 -21.70
N LEU A 6 -10.99 14.23 -20.57
CA LEU A 6 -11.01 12.77 -20.51
C LEU A 6 -12.36 12.34 -19.96
N VAL A 7 -13.19 11.74 -20.81
CA VAL A 7 -14.52 11.32 -20.38
C VAL A 7 -14.44 10.20 -19.34
N GLN A 8 -13.56 9.22 -19.56
CA GLN A 8 -13.32 8.16 -18.58
C GLN A 8 -12.30 8.68 -17.54
N GLY A 9 -12.76 9.62 -16.73
CA GLY A 9 -11.91 10.28 -15.74
C GLY A 9 -11.32 9.32 -14.72
N SER A 10 -11.95 8.15 -14.52
CA SER A 10 -11.42 7.17 -13.58
C SER A 10 -9.99 6.75 -13.93
N ILE A 11 -9.62 6.83 -15.22
CA ILE A 11 -8.23 6.53 -15.60
C ILE A 11 -7.26 7.40 -14.82
N LEU A 12 -7.56 8.69 -14.72
CA LEU A 12 -6.67 9.62 -14.01
C LEU A 12 -6.66 9.34 -12.50
N LYS A 13 -7.82 9.04 -11.93
CA LYS A 13 -7.87 8.67 -10.51
C LYS A 13 -6.99 7.46 -10.23
N LYS A 14 -7.06 6.43 -11.09
CA LYS A 14 -6.25 5.24 -10.89
C LYS A 14 -4.76 5.49 -11.14
N VAL A 15 -4.42 6.34 -12.12
CA VAL A 15 -3.01 6.63 -12.38
C VAL A 15 -2.38 7.26 -11.15
N LEU A 16 -3.05 8.27 -10.58
CA LEU A 16 -2.47 8.93 -9.41
C LEU A 16 -2.38 7.99 -8.21
N GLU A 17 -3.35 7.08 -8.06
CA GLU A 17 -3.25 6.11 -6.97
C GLU A 17 -2.07 5.16 -7.19
N ALA A 18 -1.78 4.84 -8.45
CA ALA A 18 -0.63 3.98 -8.77
C ALA A 18 0.71 4.70 -8.66
N LEU A 19 0.72 6.02 -8.54
CA LEU A 19 1.96 6.79 -8.52
C LEU A 19 2.32 7.29 -7.13
N LYS A 20 1.32 7.72 -6.36
CA LYS A 20 1.55 8.58 -5.20
C LYS A 20 2.30 7.88 -4.08
N ASP A 21 2.25 6.56 -4.00
CA ASP A 21 2.99 5.88 -2.93
C ASP A 21 4.44 5.63 -3.30
N LEU A 22 4.73 5.50 -4.59
CA LEU A 22 6.10 5.34 -5.05
C LEU A 22 6.86 6.66 -5.16
N ILE A 23 6.23 7.77 -5.54
CA ILE A 23 6.93 9.03 -5.77
C ILE A 23 6.10 10.22 -5.27
N ASN A 24 6.78 11.18 -4.64
CA ASN A 24 6.13 12.36 -4.09
C ASN A 24 5.90 13.43 -5.14
N GLU A 25 6.88 13.63 -6.01
CA GLU A 25 6.92 14.74 -6.94
C GLU A 25 7.33 14.24 -8.30
N ALA A 26 6.80 14.87 -9.34
CA ALA A 26 7.15 14.45 -10.69
C ALA A 26 6.77 15.55 -11.65
N CYS A 27 7.37 15.48 -12.82
CA CYS A 27 7.18 16.45 -13.88
C CYS A 27 6.30 15.83 -14.95
N TRP A 28 5.15 16.46 -15.22
CA TRP A 28 4.30 16.06 -16.32
C TRP A 28 4.77 16.80 -17.58
N ASP A 29 5.34 16.06 -18.52
CA ASP A 29 5.79 16.61 -19.78
C ASP A 29 4.62 16.60 -20.76
N ILE A 30 4.05 17.77 -21.02
CA ILE A 30 2.96 17.93 -21.96
C ILE A 30 3.51 18.35 -23.31
N SER A 31 3.14 17.63 -24.35
CA SER A 31 3.45 18.01 -25.72
C SER A 31 2.21 17.71 -26.55
N SER A 32 2.27 18.07 -27.83
CA SER A 32 1.11 17.79 -28.68
C SER A 32 0.93 16.29 -28.93
N SER A 33 1.93 15.47 -28.59
CA SER A 33 1.80 14.03 -28.74
C SER A 33 1.06 13.39 -27.57
N GLY A 34 1.04 14.04 -26.42
CA GLY A 34 0.31 13.55 -25.26
C GLY A 34 1.01 13.97 -23.98
N VAL A 35 0.73 13.21 -22.93
CA VAL A 35 1.29 13.43 -21.60
C VAL A 35 2.30 12.33 -21.34
N ASN A 36 3.46 12.71 -20.83
CA ASN A 36 4.42 11.72 -20.40
C ASN A 36 5.02 12.16 -19.07
N LEU A 37 5.24 11.16 -18.22
CA LEU A 37 5.81 11.36 -16.90
C LEU A 37 6.89 10.30 -16.72
N GLN A 38 8.00 10.70 -16.13
CA GLN A 38 9.12 9.78 -15.92
C GLN A 38 9.83 10.20 -14.65
N SER A 39 9.94 9.29 -13.68
CA SER A 39 10.54 9.68 -12.42
C SER A 39 11.07 8.46 -11.69
N MET A 40 12.24 8.62 -11.08
CA MET A 40 12.80 7.61 -10.18
C MET A 40 12.26 7.84 -8.79
N ASP A 41 12.11 6.75 -8.04
CA ASP A 41 11.85 6.95 -6.62
C ASP A 41 13.11 7.46 -5.94
N SER A 42 12.94 7.99 -4.72
CA SER A 42 14.05 8.67 -4.05
C SER A 42 15.27 7.77 -3.90
N SER A 43 15.07 6.48 -3.68
CA SER A 43 16.20 5.58 -3.45
C SER A 43 16.87 5.12 -4.74
N HIS A 44 16.39 5.59 -5.86
CA HIS A 44 16.91 5.22 -7.13
C HIS A 44 16.87 3.80 -7.51
N VAL A 45 16.04 3.04 -6.84
CA VAL A 45 15.87 1.61 -7.13
C VAL A 45 14.82 1.37 -8.21
N SER A 46 13.83 2.26 -8.34
CA SER A 46 12.79 2.04 -9.33
C SER A 46 12.51 3.33 -10.08
N LEU A 47 11.93 3.16 -11.25
CA LEU A 47 11.54 4.26 -12.10
C LEU A 47 10.17 3.94 -12.64
N VAL A 48 9.30 4.94 -12.72
CA VAL A 48 7.99 4.79 -13.33
C VAL A 48 7.90 5.68 -14.55
N GLN A 49 7.23 5.18 -15.59
CA GLN A 49 7.06 5.92 -16.83
C GLN A 49 5.60 5.83 -17.26
N LEU A 50 4.97 6.98 -17.40
CA LEU A 50 3.56 7.07 -17.78
C LEU A 50 3.46 7.67 -19.17
N THR A 51 2.67 7.03 -20.03
CA THR A 51 2.35 7.56 -21.35
C THR A 51 0.84 7.64 -21.50
N LEU A 52 0.33 8.82 -21.87
CA LEU A 52 -1.08 9.01 -22.20
C LEU A 52 -1.12 9.77 -23.53
N ARG A 53 -1.45 9.09 -24.61
CA ARG A 53 -1.35 9.70 -25.94
C ARG A 53 -2.50 10.68 -26.18
N SER A 54 -2.16 11.81 -26.83
CA SER A 54 -3.08 12.78 -27.41
C SER A 54 -4.43 12.20 -27.81
N GLU A 55 -4.40 11.18 -28.67
CA GLU A 55 -5.60 10.63 -29.26
C GLU A 55 -6.43 9.82 -28.29
N GLY A 56 -5.89 9.47 -27.12
CA GLY A 56 -6.70 8.81 -26.10
C GLY A 56 -7.65 9.74 -25.38
N PHE A 57 -7.41 11.05 -25.44
CA PHE A 57 -8.30 12.02 -24.83
C PHE A 57 -9.46 12.37 -25.76
N ASP A 58 -10.55 12.85 -25.18
CA ASP A 58 -11.70 13.22 -25.98
C ASP A 58 -11.51 14.59 -26.63
N THR A 59 -10.88 15.53 -25.93
CA THR A 59 -10.24 16.67 -26.57
C THR A 59 -8.86 16.85 -25.98
N TYR A 60 -7.98 17.43 -26.79
CA TYR A 60 -6.58 17.60 -26.40
C TYR A 60 -6.01 18.76 -27.19
N ARG A 61 -5.29 19.61 -26.52
CA ARG A 61 -4.61 20.70 -27.10
C ARG A 61 -3.38 21.19 -26.33
N CYS A 62 -2.18 21.21 -26.91
CA CYS A 62 -1.00 21.82 -26.34
C CYS A 62 -0.60 22.94 -27.28
N ASP A 63 -0.79 24.20 -26.85
CA ASP A 63 -0.31 25.32 -27.66
C ASP A 63 1.21 25.33 -27.72
N ARG A 64 1.83 24.94 -26.63
CA ARG A 64 3.26 24.83 -26.50
C ARG A 64 3.66 23.80 -25.50
N ASN A 65 4.82 23.21 -25.64
CA ASN A 65 5.26 22.17 -24.72
C ASN A 65 5.44 22.74 -23.31
N LEU A 66 5.05 21.95 -22.32
CA LEU A 66 5.11 22.33 -20.91
C LEU A 66 5.75 21.21 -20.11
N ALA A 67 6.30 21.59 -18.96
CA ALA A 67 6.88 20.66 -18.00
C ALA A 67 6.37 21.05 -16.61
N MET A 68 5.16 20.59 -16.27
CA MET A 68 4.54 20.95 -15.00
C MET A 68 5.08 20.11 -13.85
N GLY A 69 5.56 20.79 -12.80
CA GLY A 69 6.00 20.14 -11.58
C GLY A 69 4.87 20.01 -10.58
N VAL A 70 4.58 18.78 -10.17
CA VAL A 70 3.37 18.47 -9.42
C VAL A 70 3.76 17.69 -8.16
N ASN A 71 3.24 18.12 -7.02
CA ASN A 71 3.19 17.27 -5.85
C ASN A 71 2.12 16.19 -6.08
N LEU A 72 2.55 14.93 -6.19
CA LEU A 72 1.61 13.87 -6.57
C LEU A 72 0.65 13.56 -5.45
N THR A 73 1.08 13.75 -4.20
CA THR A 73 0.19 13.59 -3.05
C THR A 73 -0.92 14.62 -3.09
N SER A 74 -0.59 15.87 -3.44
CA SER A 74 -1.61 16.89 -3.53
C SER A 74 -2.55 16.61 -4.70
N MET A 75 -2.02 16.18 -5.84
CA MET A 75 -2.89 15.88 -6.96
C MET A 75 -3.77 14.67 -6.65
N SER A 76 -3.23 13.70 -5.92
CA SER A 76 -4.00 12.53 -5.51
C SER A 76 -5.18 12.95 -4.64
N LYS A 77 -4.93 13.85 -3.68
CA LYS A 77 -5.99 14.32 -2.82
C LYS A 77 -7.09 15.01 -3.61
N ILE A 78 -6.72 15.81 -4.61
CA ILE A 78 -7.73 16.49 -5.41
C ILE A 78 -8.53 15.48 -6.21
N LEU A 79 -7.85 14.50 -6.82
CA LEU A 79 -8.55 13.52 -7.64
C LEU A 79 -9.48 12.64 -6.82
N LYS A 80 -9.24 12.48 -5.51
CA LYS A 80 -10.23 11.81 -4.67
C LYS A 80 -11.54 12.58 -4.63
N CYS A 81 -11.53 13.86 -4.98
CA CYS A 81 -12.75 14.66 -5.01
C CYS A 81 -13.55 14.48 -6.29
N ALA A 82 -13.08 13.65 -7.22
CA ALA A 82 -13.82 13.32 -8.44
C ALA A 82 -14.56 12.02 -8.25
N GLY A 83 -15.81 11.96 -8.72
CA GLY A 83 -16.50 10.69 -8.79
C GLY A 83 -15.94 9.79 -9.89
N ASN A 84 -16.18 8.49 -9.74
CA ASN A 84 -15.62 7.51 -10.67
C ASN A 84 -16.22 7.57 -12.08
N GLU A 85 -17.41 8.13 -12.24
CA GLU A 85 -17.97 8.34 -13.57
C GLU A 85 -17.83 9.78 -14.05
N ASP A 86 -17.04 10.60 -13.37
CA ASP A 86 -16.90 11.99 -13.76
C ASP A 86 -16.08 12.15 -15.05
N ILE A 87 -16.44 13.16 -15.83
CA ILE A 87 -15.59 13.67 -16.89
C ILE A 87 -14.57 14.60 -16.26
N ILE A 88 -13.30 14.41 -16.59
CA ILE A 88 -12.24 15.20 -15.99
C ILE A 88 -11.48 15.96 -17.09
N THR A 89 -11.40 17.27 -16.92
CA THR A 89 -10.65 18.14 -17.81
C THR A 89 -9.46 18.71 -17.04
N LEU A 90 -8.26 18.58 -17.62
CA LEU A 90 -7.05 19.25 -17.13
C LEU A 90 -6.76 20.50 -17.98
N ARG A 91 -6.27 21.56 -17.32
CA ARG A 91 -6.09 22.85 -17.97
C ARG A 91 -4.97 23.64 -17.29
N ALA A 92 -4.01 24.11 -18.09
CA ALA A 92 -2.94 25.00 -17.62
C ALA A 92 -2.72 26.15 -18.60
N GLU A 93 -2.52 27.36 -18.08
CA GLU A 93 -2.20 28.50 -18.93
C GLU A 93 -0.70 28.75 -19.01
N ASP A 94 -0.33 29.71 -19.87
CA ASP A 94 1.05 29.89 -20.33
C ASP A 94 2.03 30.01 -19.17
N ASN A 95 1.73 30.88 -18.24
CA ASN A 95 2.51 31.03 -17.04
C ASN A 95 2.81 29.72 -16.41
N ALA A 96 1.75 28.95 -16.21
CA ALA A 96 1.77 27.62 -15.59
C ALA A 96 2.28 27.70 -14.14
N ASP A 97 1.60 28.52 -13.35
CA ASP A 97 1.76 28.50 -11.90
C ASP A 97 0.79 27.52 -11.24
N THR A 98 -0.33 27.23 -11.89
CA THR A 98 -1.34 26.33 -11.32
C THR A 98 -1.86 25.43 -12.41
N LEU A 99 -2.33 24.26 -11.99
CA LEU A 99 -3.06 23.34 -12.85
C LEU A 99 -4.52 23.36 -12.42
N ALA A 100 -5.41 23.56 -13.37
CA ALA A 100 -6.84 23.51 -13.09
C ALA A 100 -7.36 22.12 -13.40
N LEU A 101 -8.26 21.64 -12.55
CA LEU A 101 -8.88 20.33 -12.76
C LEU A 101 -10.39 20.51 -12.60
N VAL A 102 -11.15 20.05 -13.60
CA VAL A 102 -12.58 20.24 -13.65
C VAL A 102 -13.24 18.88 -13.68
N PHE A 103 -14.15 18.64 -12.74
CA PHE A 103 -14.86 17.36 -12.61
C PHE A 103 -16.34 17.61 -12.89
N GLU A 104 -16.91 16.89 -13.88
CA GLU A 104 -18.34 16.96 -14.17
C GLU A 104 -18.92 15.57 -14.40
N ALA A 105 -20.24 15.44 -14.22
CA ALA A 105 -20.98 14.31 -14.80
C ALA A 105 -21.76 14.74 -16.04
N PRO A 106 -22.22 13.77 -16.86
CA PRO A 106 -23.08 14.15 -18.00
C PRO A 106 -24.35 14.92 -17.61
N ASN A 107 -24.98 14.58 -16.48
CA ASN A 107 -26.18 15.30 -16.07
C ASN A 107 -25.88 16.75 -15.71
N GLN A 108 -24.63 17.07 -15.37
CA GLN A 108 -24.16 18.43 -15.14
C GLN A 108 -24.68 19.07 -13.85
N GLU A 109 -25.31 18.28 -12.98
CA GLU A 109 -25.88 18.83 -11.74
C GLU A 109 -24.80 19.40 -10.82
N LYS A 110 -23.67 18.70 -10.76
CA LYS A 110 -22.54 19.06 -9.91
C LYS A 110 -21.31 19.26 -10.79
N VAL A 111 -20.72 20.45 -10.73
CA VAL A 111 -19.46 20.76 -11.40
C VAL A 111 -18.46 21.24 -10.36
N SER A 112 -17.30 20.63 -10.34
CA SER A 112 -16.24 20.99 -9.39
C SER A 112 -15.03 21.45 -10.16
N ASP A 113 -14.39 22.51 -9.69
CA ASP A 113 -13.12 22.92 -10.27
C ASP A 113 -12.11 23.19 -9.16
N TYR A 114 -10.94 22.63 -9.32
CA TYR A 114 -9.86 22.76 -8.38
C TYR A 114 -8.69 23.40 -9.11
N GLU A 115 -7.94 24.22 -8.38
CA GLU A 115 -6.69 24.83 -8.80
C GLU A 115 -5.61 24.34 -7.85
N MET A 116 -4.59 23.63 -8.32
CA MET A 116 -3.49 23.24 -7.45
C MET A 116 -2.23 23.95 -7.91
N LYS A 117 -1.48 24.44 -6.93
CA LYS A 117 -0.19 25.06 -7.22
C LYS A 117 0.80 24.03 -7.74
N LEU A 118 1.51 24.40 -8.80
CA LEU A 118 2.62 23.62 -9.29
C LEU A 118 3.87 23.88 -8.43
N MET A 119 4.97 23.21 -8.79
CA MET A 119 6.26 23.40 -8.16
C MET A 119 7.32 23.54 -9.23
N ASP A 120 8.50 24.03 -8.81
CA ASP A 120 9.68 24.01 -9.64
C ASP A 120 10.46 22.73 -9.33
N LEU A 121 10.72 21.93 -10.36
CA LEU A 121 11.45 20.68 -10.22
C LEU A 121 12.58 20.64 -11.23
N ASP A 122 13.74 20.14 -10.79
CA ASP A 122 14.87 19.83 -11.63
C ASP A 122 14.33 18.87 -12.69
N VAL A 123 13.88 19.31 -13.86
CA VAL A 123 13.32 18.40 -14.86
C VAL A 123 14.59 17.83 -15.49
N GLU A 124 14.97 16.63 -15.06
CA GLU A 124 16.10 15.74 -15.32
C GLU A 124 15.59 14.70 -16.30
N GLN A 125 15.46 14.83 -17.62
CA GLN A 125 14.87 13.70 -18.34
C GLN A 125 15.88 12.59 -18.63
N LEU A 126 15.32 11.41 -18.84
CA LEU A 126 16.08 10.19 -19.05
C LEU A 126 15.42 9.42 -20.18
N GLY A 127 16.10 8.37 -20.65
CA GLY A 127 15.60 7.60 -21.78
C GLY A 127 15.75 6.12 -21.55
N ILE A 128 14.86 5.35 -22.16
CA ILE A 128 14.90 3.90 -22.12
C ILE A 128 15.09 3.40 -23.55
N PRO A 129 16.13 2.64 -23.84
CA PRO A 129 16.25 2.03 -25.18
C PRO A 129 15.27 0.87 -25.32
N GLU A 130 14.45 0.93 -26.37
CA GLU A 130 13.57 -0.18 -26.67
C GLU A 130 14.40 -1.42 -26.99
N GLN A 131 14.37 -2.40 -26.09
CA GLN A 131 15.01 -3.68 -26.34
C GLN A 131 13.96 -4.78 -26.44
N GLU A 132 14.41 -5.95 -26.85
CA GLU A 132 13.70 -7.19 -26.58
C GLU A 132 14.33 -7.85 -25.36
N TYR A 133 13.55 -8.68 -24.71
CA TYR A 133 13.96 -9.31 -23.46
C TYR A 133 14.06 -10.81 -23.69
N SER A 134 14.98 -11.45 -22.96
CA SER A 134 15.05 -12.91 -23.01
C SER A 134 13.67 -13.50 -22.76
N CYS A 135 12.95 -12.96 -21.79
CA CYS A 135 11.66 -13.52 -21.41
C CYS A 135 10.62 -12.45 -21.16
N VAL A 136 9.40 -12.68 -21.66
CA VAL A 136 8.28 -11.76 -21.51
C VAL A 136 7.07 -12.59 -21.07
N VAL A 137 6.52 -12.27 -19.90
CA VAL A 137 5.43 -13.00 -19.28
C VAL A 137 4.20 -12.10 -19.28
N LYS A 138 3.12 -12.56 -19.89
CA LYS A 138 1.83 -11.88 -19.82
C LYS A 138 0.89 -12.71 -18.97
N MET A 139 0.28 -12.08 -17.96
CA MET A 139 -0.48 -12.83 -16.99
C MET A 139 -1.52 -11.91 -16.37
N PRO A 140 -2.55 -12.46 -15.72
CA PRO A 140 -3.56 -11.59 -15.09
C PRO A 140 -2.95 -10.75 -13.98
N SER A 141 -3.37 -9.49 -13.93
CA SER A 141 -2.74 -8.54 -13.01
C SER A 141 -3.11 -8.86 -11.56
N GLY A 142 -4.35 -9.32 -11.31
CA GLY A 142 -4.72 -9.69 -9.96
C GLY A 142 -3.92 -10.88 -9.44
N GLU A 143 -3.58 -11.81 -10.31
CA GLU A 143 -2.77 -12.96 -9.91
C GLU A 143 -1.35 -12.53 -9.53
N PHE A 144 -0.76 -11.64 -10.32
CA PHE A 144 0.59 -11.16 -9.98
C PHE A 144 0.58 -10.39 -8.66
N ALA A 145 -0.45 -9.54 -8.44
CA ALA A 145 -0.54 -8.80 -7.18
C ALA A 145 -0.63 -9.75 -5.99
N ARG A 146 -1.41 -10.82 -6.12
CA ARG A 146 -1.57 -11.77 -5.02
C ARG A 146 -0.26 -12.51 -4.73
N ILE A 147 0.45 -12.94 -5.78
CA ILE A 147 1.75 -13.59 -5.62
C ILE A 147 2.73 -12.70 -4.85
N CYS A 148 2.87 -11.42 -5.27
CA CYS A 148 3.80 -10.50 -4.60
C CYS A 148 3.38 -10.24 -3.16
N ARG A 149 2.08 -10.06 -2.91
CA ARG A 149 1.61 -9.86 -1.55
C ARG A 149 1.92 -11.06 -0.68
N ASP A 150 1.53 -12.25 -1.15
CA ASP A 150 1.74 -13.47 -0.37
C ASP A 150 3.22 -13.73 -0.10
N LEU A 151 4.06 -13.72 -1.16
CA LEU A 151 5.48 -13.99 -0.94
C LEU A 151 6.13 -12.95 -0.01
N SER A 152 5.60 -11.72 0.05
CA SER A 152 6.18 -10.73 0.96
C SER A 152 5.91 -11.05 2.42
N HIS A 153 5.07 -12.04 2.73
CA HIS A 153 5.01 -12.52 4.10
C HIS A 153 5.96 -13.68 4.35
N ILE A 154 6.70 -14.13 3.34
CA ILE A 154 7.73 -15.12 3.51
C ILE A 154 9.12 -14.49 3.59
N GLY A 155 9.42 -13.57 2.68
CA GLY A 155 10.71 -12.89 2.67
C GLY A 155 10.58 -11.52 2.05
N ASP A 156 11.71 -10.83 1.91
CA ASP A 156 11.67 -9.50 1.32
C ASP A 156 12.15 -9.47 -0.14
N ALA A 157 12.57 -10.61 -0.68
CA ALA A 157 13.03 -10.68 -2.06
C ALA A 157 12.38 -11.87 -2.75
N VAL A 158 12.10 -11.73 -4.05
CA VAL A 158 11.54 -12.82 -4.84
C VAL A 158 12.51 -13.17 -5.96
N VAL A 159 12.76 -14.46 -6.12
CA VAL A 159 13.50 -14.98 -7.27
C VAL A 159 12.49 -15.37 -8.34
N ILE A 160 12.59 -14.75 -9.52
CA ILE A 160 11.72 -15.04 -10.65
C ILE A 160 12.52 -15.84 -11.66
N SER A 161 12.16 -17.11 -11.82
CA SER A 161 12.79 -18.00 -12.80
C SER A 161 11.80 -18.23 -13.92
N CYS A 162 12.16 -17.81 -15.12
CA CYS A 162 11.29 -17.99 -16.25
C CYS A 162 11.88 -19.00 -17.22
N ALA A 163 11.06 -19.97 -17.60
CA ALA A 163 11.37 -21.00 -18.57
C ALA A 163 10.33 -20.95 -19.70
N LYS A 164 10.46 -21.80 -20.69
CA LYS A 164 9.58 -21.75 -21.84
C LYS A 164 8.19 -22.15 -21.45
N ASP A 165 8.15 -23.00 -20.47
CA ASP A 165 7.00 -23.76 -20.11
C ASP A 165 6.24 -23.18 -18.92
N GLY A 166 6.89 -22.31 -18.17
CA GLY A 166 6.29 -21.74 -17.00
C GLY A 166 7.19 -20.81 -16.27
N VAL A 167 6.62 -20.11 -15.31
CA VAL A 167 7.35 -19.13 -14.54
C VAL A 167 7.18 -19.48 -13.05
N LYS A 168 8.26 -19.38 -12.30
CA LYS A 168 8.29 -19.66 -10.87
C LYS A 168 8.66 -18.40 -10.09
N PHE A 169 8.02 -18.20 -8.93
CA PHE A 169 8.37 -17.15 -7.98
C PHE A 169 8.72 -17.78 -6.63
N SER A 170 9.88 -17.42 -6.08
CA SER A 170 10.38 -18.02 -4.85
C SER A 170 10.83 -16.95 -3.88
N ALA A 171 10.68 -17.24 -2.59
CA ALA A 171 11.12 -16.36 -1.52
C ALA A 171 11.42 -17.20 -0.30
N SER A 172 12.27 -16.68 0.59
CA SER A 172 12.59 -17.40 1.82
C SER A 172 12.91 -16.42 2.93
N GLY A 173 12.62 -16.82 4.15
CA GLY A 173 12.85 -15.99 5.31
C GLY A 173 12.87 -16.84 6.55
N GLU A 174 12.62 -16.19 7.68
CA GLU A 174 12.68 -16.87 8.97
C GLU A 174 11.62 -17.95 9.12
N LEU A 175 10.43 -17.75 8.52
CA LEU A 175 9.38 -18.76 8.63
C LEU A 175 9.71 -20.03 7.86
N GLY A 176 10.46 -19.91 6.80
CA GLY A 176 10.63 -20.99 5.85
C GLY A 176 10.67 -20.41 4.45
N ASN A 177 10.23 -21.20 3.48
CA ASN A 177 10.31 -20.71 2.11
C ASN A 177 9.09 -21.16 1.32
N GLY A 178 8.99 -20.62 0.13
CA GLY A 178 7.80 -20.80 -0.69
C GLY A 178 8.14 -20.61 -2.15
N ASN A 179 7.46 -21.36 -2.99
CA ASN A 179 7.60 -21.36 -4.43
C ASN A 179 6.21 -21.38 -5.03
N ILE A 180 6.00 -20.56 -6.05
CA ILE A 180 4.74 -20.50 -6.76
C ILE A 180 5.04 -20.76 -8.23
N LYS A 181 4.46 -21.82 -8.78
CA LYS A 181 4.68 -22.18 -10.18
C LYS A 181 3.43 -21.90 -11.01
N LEU A 182 3.62 -21.15 -12.10
CA LEU A 182 2.54 -20.82 -13.03
C LEU A 182 2.83 -21.51 -14.35
N SER A 183 1.83 -22.17 -14.90
CA SER A 183 1.96 -22.85 -16.19
C SER A 183 1.36 -22.00 -17.30
N GLN A 184 1.92 -22.11 -18.48
CA GLN A 184 1.26 -21.56 -19.66
C GLN A 184 -0.12 -22.19 -19.84
N THR A 185 -1.11 -21.35 -20.19
CA THR A 185 -2.46 -21.85 -20.42
C THR A 185 -2.71 -22.06 -21.92
N SER A 186 -3.73 -22.88 -22.21
CA SER A 186 -4.09 -23.20 -23.59
C SER A 186 -5.31 -22.44 -24.11
N ASN A 187 -6.33 -22.26 -23.28
CA ASN A 187 -7.61 -21.63 -23.65
C ASN A 187 -8.34 -22.46 -24.72
N GLU A 193 -7.76 -14.78 -19.05
CA GLU A 193 -6.98 -15.21 -17.88
C GLU A 193 -5.80 -16.07 -18.28
N ALA A 194 -5.32 -15.79 -19.48
CA ALA A 194 -4.20 -16.55 -20.01
C ALA A 194 -2.93 -16.23 -19.25
N VAL A 195 -2.05 -17.22 -19.17
CA VAL A 195 -0.65 -17.00 -18.87
C VAL A 195 0.10 -17.43 -20.11
N THR A 196 0.83 -16.50 -20.71
CA THR A 196 1.60 -16.76 -21.93
C THR A 196 3.04 -16.29 -21.72
N ILE A 197 3.97 -17.05 -22.28
CA ILE A 197 5.40 -16.79 -22.12
C ILE A 197 6.02 -16.80 -23.50
N GLU A 198 6.64 -15.68 -23.89
CA GLU A 198 7.42 -15.59 -25.12
C GLU A 198 8.87 -15.48 -24.69
N MET A 199 9.60 -16.56 -24.89
CA MET A 199 10.94 -16.72 -24.36
C MET A 199 12.02 -16.99 -25.41
N ASN A 200 13.17 -16.36 -25.27
CA ASN A 200 14.35 -16.61 -26.07
C ASN A 200 15.29 -17.50 -25.36
N GLU A 201 15.44 -17.25 -24.08
CA GLU A 201 16.50 -17.80 -23.24
C GLU A 201 16.09 -17.72 -21.76
N PRO A 202 16.41 -18.73 -20.94
CA PRO A 202 15.97 -18.72 -19.54
C PRO A 202 16.60 -17.57 -18.76
N VAL A 203 15.84 -17.06 -17.79
CA VAL A 203 16.31 -16.02 -16.86
C VAL A 203 16.02 -16.45 -15.44
N GLN A 204 16.84 -15.99 -14.51
CA GLN A 204 16.58 -16.15 -13.09
C GLN A 204 17.11 -14.89 -12.41
N LEU A 205 16.20 -14.12 -11.80
CA LEU A 205 16.54 -12.81 -11.28
C LEU A 205 15.86 -12.61 -9.94
N THR A 206 16.47 -11.78 -9.09
CA THR A 206 16.00 -11.51 -7.74
C THR A 206 15.64 -10.03 -7.59
N PHE A 207 14.48 -9.77 -6.97
CA PHE A 207 13.92 -8.43 -6.90
C PHE A 207 13.37 -8.17 -5.51
N ALA A 208 13.41 -6.90 -5.11
CA ALA A 208 12.87 -6.50 -3.81
C ALA A 208 11.34 -6.49 -3.86
N LEU A 209 10.71 -7.29 -3.00
CA LEU A 209 9.25 -7.40 -2.99
C LEU A 209 8.58 -6.09 -2.58
N ARG A 210 9.25 -5.31 -1.74
CA ARG A 210 8.70 -4.03 -1.30
C ARG A 210 8.32 -3.13 -2.47
N TYR A 211 9.14 -3.12 -3.53
CA TYR A 211 8.88 -2.27 -4.68
C TYR A 211 7.81 -2.84 -5.59
N LEU A 212 7.82 -4.15 -5.81
CA LEU A 212 6.78 -4.79 -6.61
C LEU A 212 5.41 -4.53 -6.01
N ASN A 213 5.31 -4.54 -4.68
CA ASN A 213 4.01 -4.25 -4.05
C ASN A 213 3.58 -2.80 -4.25
N PHE A 214 4.54 -1.87 -4.46
CA PHE A 214 4.14 -0.55 -4.93
C PHE A 214 3.59 -0.61 -6.35
N PHE A 215 4.26 -1.36 -7.23
CA PHE A 215 3.82 -1.37 -8.63
C PHE A 215 2.39 -1.89 -8.78
N THR A 216 2.00 -2.89 -7.98
CA THR A 216 0.69 -3.51 -8.15
C THR A 216 -0.46 -2.60 -7.71
N LYS A 217 -0.17 -1.42 -7.16
CA LYS A 217 -1.21 -0.42 -7.02
C LYS A 217 -1.77 0.03 -8.36
N ALA A 218 -1.10 -0.32 -9.48
CA ALA A 218 -1.62 -0.05 -10.82
C ALA A 218 -2.61 -1.10 -11.31
N THR A 219 -2.78 -2.19 -10.55
CA THR A 219 -3.68 -3.27 -10.94
C THR A 219 -5.05 -2.83 -11.43
N PRO A 220 -5.74 -1.85 -10.82
CA PRO A 220 -7.05 -1.44 -11.36
C PRO A 220 -7.02 -0.92 -12.79
N LEU A 221 -5.85 -0.55 -13.33
CA LEU A 221 -5.82 0.00 -14.68
C LEU A 221 -5.95 -1.08 -15.75
N SER A 222 -5.68 -2.34 -15.42
CA SER A 222 -5.67 -3.36 -16.46
C SER A 222 -5.84 -4.74 -15.85
N SER A 223 -6.60 -5.58 -16.52
CA SER A 223 -6.76 -6.96 -16.06
C SER A 223 -5.53 -7.79 -16.38
N THR A 224 -4.60 -7.26 -17.16
CA THR A 224 -3.39 -7.95 -17.58
C THR A 224 -2.15 -7.15 -17.18
N VAL A 225 -1.09 -7.86 -16.83
CA VAL A 225 0.22 -7.26 -16.60
C VAL A 225 1.24 -8.03 -17.42
N THR A 226 2.32 -7.34 -17.81
CA THR A 226 3.41 -7.95 -18.56
C THR A 226 4.71 -7.75 -17.79
N LEU A 227 5.44 -8.84 -17.58
CA LEU A 227 6.77 -8.76 -17.00
C LEU A 227 7.80 -9.05 -18.11
N SER A 228 8.81 -8.19 -18.22
CA SER A 228 9.85 -8.36 -19.23
C SER A 228 11.20 -8.38 -18.55
N MET A 229 11.99 -9.43 -18.83
CA MET A 229 13.19 -9.74 -18.09
C MET A 229 14.32 -10.15 -19.03
N SER A 230 15.53 -9.71 -18.69
CA SER A 230 16.78 -10.24 -19.24
C SER A 230 17.81 -10.20 -18.13
N ALA A 231 18.90 -10.93 -18.31
CA ALA A 231 19.95 -10.97 -17.29
C ALA A 231 20.56 -9.60 -17.07
N ASP A 232 20.85 -9.28 -15.81
CA ASP A 232 21.50 -8.07 -15.29
C ASP A 232 20.85 -6.76 -15.75
N VAL A 233 19.62 -6.79 -16.26
CA VAL A 233 18.94 -5.54 -16.63
C VAL A 233 17.70 -5.35 -15.77
N PRO A 234 17.15 -4.15 -15.66
CA PRO A 234 15.97 -3.98 -14.80
C PRO A 234 14.76 -4.74 -15.33
N LEU A 235 13.97 -5.28 -14.41
CA LEU A 235 12.65 -5.79 -14.77
C LEU A 235 11.76 -4.65 -15.26
N VAL A 236 10.94 -4.93 -16.28
CA VAL A 236 9.86 -4.03 -16.69
C VAL A 236 8.54 -4.67 -16.31
N VAL A 237 7.72 -3.94 -15.54
CA VAL A 237 6.37 -4.35 -15.18
C VAL A 237 5.43 -3.35 -15.83
N GLU A 238 4.63 -3.79 -16.80
CA GLU A 238 3.84 -2.88 -17.62
C GLU A 238 2.33 -3.15 -17.51
N TYR A 239 1.56 -2.07 -17.30
CA TYR A 239 0.10 -2.09 -17.28
C TYR A 239 -0.39 -1.25 -18.44
N LYS A 240 -1.15 -1.85 -19.35
CA LYS A 240 -1.72 -1.12 -20.46
C LYS A 240 -2.91 -0.28 -19.98
N ILE A 241 -2.96 0.98 -20.41
CA ILE A 241 -4.09 1.86 -20.13
C ILE A 241 -4.88 1.94 -21.43
N ALA A 242 -6.00 1.21 -21.48
CA ALA A 242 -6.61 0.82 -22.75
C ALA A 242 -6.96 2.03 -23.61
N ASP A 243 -6.56 1.97 -24.88
CA ASP A 243 -6.84 2.98 -25.89
C ASP A 243 -6.15 4.29 -25.61
N MET A 244 -4.96 4.25 -25.00
CA MET A 244 -4.46 5.49 -24.44
C MET A 244 -2.95 5.50 -24.19
N GLY A 245 -2.42 4.41 -23.66
CA GLY A 245 -1.03 4.41 -23.26
C GLY A 245 -0.67 3.31 -22.29
N HIS A 246 0.20 3.61 -21.33
CA HIS A 246 0.69 2.59 -20.43
C HIS A 246 1.29 3.23 -19.20
N LEU A 247 1.43 2.40 -18.17
CA LEU A 247 2.25 2.68 -17.00
C LEU A 247 3.25 1.54 -16.89
N LYS A 248 4.54 1.88 -16.93
CA LYS A 248 5.65 0.94 -16.85
C LYS A 248 6.47 1.23 -15.61
N TYR A 249 6.82 0.18 -14.88
CA TYR A 249 7.69 0.30 -13.73
C TYR A 249 8.97 -0.48 -14.02
N TYR A 250 10.10 0.13 -13.70
CA TYR A 250 11.41 -0.48 -13.88
C TYR A 250 12.00 -0.78 -12.51
N LEU A 251 12.57 -1.97 -12.35
CA LEU A 251 13.12 -2.37 -11.06
C LEU A 251 14.50 -3.00 -11.29
N ALA A 252 15.50 -2.45 -10.64
CA ALA A 252 16.86 -2.97 -10.76
C ALA A 252 16.99 -4.26 -9.96
N PRO A 253 17.56 -5.32 -10.53
CA PRO A 253 17.68 -6.58 -9.80
C PRO A 253 18.69 -6.47 -8.66
N LYS A 254 18.70 -7.51 -7.83
CA LYS A 254 19.66 -7.64 -6.74
C LYS A 254 20.88 -8.42 -7.23
N ILE A 255 22.05 -8.04 -6.69
CA ILE A 255 23.37 -8.49 -7.16
C ILE A 255 23.50 -8.30 -8.65
N MET B 1 36.83 -8.37 -41.74
CA MET B 1 38.22 -7.98 -41.51
C MET B 1 38.31 -6.58 -40.92
N PHE B 2 39.11 -6.46 -39.86
CA PHE B 2 39.34 -5.21 -39.17
C PHE B 2 40.84 -5.06 -39.00
N GLU B 3 41.33 -3.84 -39.15
CA GLU B 3 42.75 -3.63 -38.93
C GLU B 3 43.00 -2.17 -38.57
N ALA B 4 43.70 -1.96 -37.46
CA ALA B 4 43.99 -0.61 -37.01
C ALA B 4 45.43 -0.56 -36.53
N ARG B 5 46.17 0.40 -37.08
CA ARG B 5 47.57 0.59 -36.78
C ARG B 5 47.69 1.85 -35.95
N LEU B 6 48.36 1.76 -34.82
CA LEU B 6 48.54 2.91 -33.94
C LEU B 6 50.04 3.06 -33.67
N VAL B 7 50.64 4.13 -34.18
CA VAL B 7 52.08 4.35 -34.00
C VAL B 7 52.39 4.62 -32.53
N GLN B 8 51.56 5.41 -31.85
CA GLN B 8 51.73 5.65 -30.42
C GLN B 8 51.03 4.55 -29.62
N GLY B 9 51.60 3.35 -29.70
CA GLY B 9 50.98 2.17 -29.11
C GLY B 9 50.85 2.24 -27.60
N SER B 10 51.64 3.10 -26.95
CA SER B 10 51.52 3.26 -25.49
C SER B 10 50.12 3.70 -25.07
N ILE B 11 49.38 4.38 -25.95
CA ILE B 11 47.99 4.73 -25.66
C ILE B 11 47.18 3.47 -25.33
N LEU B 12 47.33 2.43 -26.15
CA LEU B 12 46.62 1.18 -25.91
C LEU B 12 47.05 0.50 -24.62
N LYS B 13 48.37 0.48 -24.35
CA LYS B 13 48.87 -0.04 -23.07
C LYS B 13 48.23 0.68 -21.88
N LYS B 14 48.19 2.01 -21.95
CA LYS B 14 47.61 2.80 -20.85
C LYS B 14 46.11 2.57 -20.72
N VAL B 15 45.40 2.49 -21.86
CA VAL B 15 43.96 2.25 -21.80
C VAL B 15 43.68 0.95 -21.08
N LEU B 16 44.39 -0.12 -21.45
CA LEU B 16 44.11 -1.41 -20.83
C LEU B 16 44.47 -1.40 -19.35
N GLU B 17 45.56 -0.71 -18.97
CA GLU B 17 45.88 -0.58 -17.55
C GLU B 17 44.78 0.19 -16.82
N ALA B 18 44.17 1.16 -17.48
CA ALA B 18 43.09 1.92 -16.87
C ALA B 18 41.76 1.17 -16.80
N LEU B 19 41.65 0.03 -17.49
CA LEU B 19 40.40 -0.72 -17.57
C LEU B 19 40.41 -1.97 -16.70
N LYS B 20 41.50 -2.73 -16.71
CA LYS B 20 41.51 -4.11 -16.25
C LYS B 20 41.24 -4.24 -14.76
N ASP B 21 41.42 -3.19 -13.98
CA ASP B 21 41.13 -3.32 -12.56
C ASP B 21 39.66 -3.08 -12.25
N LEU B 22 38.98 -2.31 -13.10
CA LEU B 22 37.55 -2.04 -12.93
C LEU B 22 36.68 -3.13 -13.56
N ILE B 23 37.06 -3.69 -14.70
CA ILE B 23 36.21 -4.63 -15.41
C ILE B 23 37.03 -5.79 -15.96
N ASN B 24 36.48 -6.99 -15.87
CA ASN B 24 37.16 -8.18 -16.33
C ASN B 24 36.94 -8.41 -17.82
N GLU B 25 35.72 -8.20 -18.29
CA GLU B 25 35.31 -8.55 -19.64
C GLU B 25 34.54 -7.38 -20.22
N ALA B 26 34.70 -7.18 -21.51
CA ALA B 26 34.03 -6.07 -22.15
C ALA B 26 33.99 -6.34 -23.64
N CYS B 27 33.09 -5.65 -24.30
CA CYS B 27 32.85 -5.79 -25.72
C CYS B 27 33.41 -4.57 -26.44
N TRP B 28 34.31 -4.80 -27.39
CA TRP B 28 34.85 -3.73 -28.22
C TRP B 28 33.98 -3.59 -29.45
N ASP B 29 33.25 -2.50 -29.56
CA ASP B 29 32.38 -2.23 -30.70
C ASP B 29 33.17 -1.49 -31.76
N ILE B 30 33.49 -2.19 -32.85
CA ILE B 30 34.27 -1.67 -33.96
C ILE B 30 33.38 -1.29 -35.14
N SER B 31 33.48 -0.04 -35.58
CA SER B 31 32.74 0.45 -36.73
C SER B 31 33.68 1.32 -37.52
N SER B 32 33.21 1.78 -38.68
CA SER B 32 34.05 2.63 -39.51
C SER B 32 34.35 3.97 -38.85
N SER B 33 33.65 4.31 -37.79
CA SER B 33 33.88 5.57 -37.08
C SER B 33 34.93 5.44 -35.97
N GLY B 34 35.22 4.23 -35.54
CA GLY B 34 36.28 4.01 -34.57
C GLY B 34 35.95 2.85 -33.67
N VAL B 35 36.59 2.87 -32.50
CA VAL B 35 36.45 1.83 -31.49
C VAL B 35 35.66 2.42 -30.33
N ASN B 36 34.69 1.67 -29.84
CA ASN B 36 33.90 2.07 -28.69
C ASN B 36 33.81 0.90 -27.74
N LEU B 37 33.91 1.21 -26.46
CA LEU B 37 33.73 0.23 -25.40
C LEU B 37 32.91 0.91 -24.32
N GLN B 38 31.94 0.18 -23.77
CA GLN B 38 31.08 0.69 -22.72
C GLN B 38 30.74 -0.47 -21.80
N SER B 39 31.01 -0.36 -20.50
CA SER B 39 30.75 -1.50 -19.64
C SER B 39 30.62 -1.06 -18.18
N MET B 40 29.61 -1.59 -17.50
CA MET B 40 29.51 -1.42 -16.05
C MET B 40 30.41 -2.40 -15.34
N ASP B 41 30.95 -1.98 -14.19
CA ASP B 41 31.58 -2.97 -13.33
C ASP B 41 30.50 -3.91 -12.77
N SER B 42 30.97 -5.01 -12.16
CA SER B 42 30.05 -6.07 -11.73
C SER B 42 29.03 -5.56 -10.72
N SER B 43 29.43 -4.66 -9.83
CA SER B 43 28.55 -4.14 -8.81
C SER B 43 27.53 -3.15 -9.36
N HIS B 44 27.64 -2.82 -10.62
CA HIS B 44 26.77 -1.86 -11.22
C HIS B 44 26.84 -0.48 -10.68
N VAL B 45 27.88 -0.19 -9.92
CA VAL B 45 28.04 1.12 -9.32
C VAL B 45 28.75 2.10 -10.28
N SER B 46 29.57 1.60 -11.18
CA SER B 46 30.28 2.48 -12.10
C SER B 46 30.22 1.92 -13.51
N LEU B 47 30.42 2.81 -14.46
CA LEU B 47 30.47 2.47 -15.87
C LEU B 47 31.65 3.20 -16.49
N VAL B 48 32.33 2.54 -17.43
CA VAL B 48 33.42 3.15 -18.19
C VAL B 48 33.04 3.19 -19.66
N GLN B 49 33.38 4.30 -20.31
CA GLN B 49 33.12 4.47 -21.74
C GLN B 49 34.39 4.93 -22.45
N LEU B 50 34.83 4.15 -23.43
CA LEU B 50 36.04 4.42 -24.17
C LEU B 50 35.69 4.76 -25.60
N THR B 51 36.23 5.86 -26.12
CA THR B 51 36.09 6.25 -27.51
C THR B 51 37.46 6.42 -28.14
N LEU B 52 37.70 5.70 -29.24
CA LEU B 52 38.92 5.86 -30.04
C LEU B 52 38.51 6.07 -31.50
N ARG B 53 38.52 7.32 -31.95
CA ARG B 53 38.03 7.64 -33.30
C ARG B 53 38.97 7.11 -34.38
N SER B 54 38.37 6.58 -35.45
CA SER B 54 39.12 6.01 -36.57
C SER B 54 40.23 6.94 -37.04
N GLU B 55 39.93 8.25 -37.12
CA GLU B 55 40.89 9.24 -37.59
C GLU B 55 42.08 9.39 -36.65
N GLY B 56 41.97 8.93 -35.40
CA GLY B 56 43.13 8.97 -34.52
C GLY B 56 44.16 7.91 -34.80
N PHE B 57 43.80 6.89 -35.57
CA PHE B 57 44.72 5.82 -35.93
C PHE B 57 45.50 6.19 -37.19
N ASP B 58 46.70 5.63 -37.31
CA ASP B 58 47.51 5.95 -38.48
C ASP B 58 47.00 5.23 -39.71
N THR B 59 46.50 4.00 -39.55
CA THR B 59 45.64 3.38 -40.53
C THR B 59 44.49 2.74 -39.79
N TYR B 60 43.33 2.75 -40.43
CA TYR B 60 42.11 2.23 -39.83
C TYR B 60 41.22 1.66 -40.92
N ARG B 61 40.82 0.45 -40.73
CA ARG B 61 39.94 -0.18 -41.62
C ARG B 61 38.96 -1.14 -41.02
N CYS B 62 37.69 -0.93 -41.27
CA CYS B 62 36.61 -1.76 -40.76
C CYS B 62 35.73 -2.11 -41.97
N ASP B 63 35.82 -3.34 -42.42
CA ASP B 63 35.03 -3.72 -43.56
C ASP B 63 33.62 -3.95 -43.17
N ARG B 64 33.38 -4.50 -41.99
CA ARG B 64 32.04 -4.64 -41.43
C ARG B 64 32.10 -4.45 -39.92
N ASN B 65 31.00 -3.97 -39.35
CA ASN B 65 30.93 -3.73 -37.91
C ASN B 65 31.12 -5.03 -37.14
N LEU B 66 31.85 -4.93 -36.02
CA LEU B 66 32.17 -6.08 -35.18
C LEU B 66 31.88 -5.74 -33.72
N ALA B 67 31.68 -6.79 -32.93
CA ALA B 67 31.54 -6.67 -31.48
C ALA B 67 32.37 -7.78 -30.85
N MET B 68 33.65 -7.48 -30.58
CA MET B 68 34.57 -8.47 -30.05
C MET B 68 34.49 -8.53 -28.53
N GLY B 69 34.27 -9.72 -28.01
CA GLY B 69 34.25 -9.96 -26.58
C GLY B 69 35.63 -10.33 -26.08
N VAL B 70 36.17 -9.54 -25.15
CA VAL B 70 37.56 -9.63 -24.74
C VAL B 70 37.63 -9.80 -23.24
N ASN B 71 38.44 -10.74 -22.79
CA ASN B 71 38.90 -10.77 -21.41
C ASN B 71 39.98 -9.69 -21.27
N LEU B 72 39.68 -8.65 -20.47
CA LEU B 72 40.59 -7.50 -20.40
C LEU B 72 41.86 -7.84 -19.66
N THR B 73 41.81 -8.78 -18.72
CA THR B 73 43.00 -9.24 -18.04
C THR B 73 43.95 -9.94 -19.01
N SER B 74 43.39 -10.76 -19.91
CA SER B 74 44.23 -11.41 -20.91
C SER B 74 44.79 -10.40 -21.89
N MET B 75 43.99 -9.43 -22.33
CA MET B 75 44.49 -8.41 -23.24
C MET B 75 45.54 -7.54 -22.55
N SER B 76 45.33 -7.24 -21.26
CA SER B 76 46.30 -6.46 -20.50
C SER B 76 47.64 -7.18 -20.45
N LYS B 77 47.62 -8.49 -20.21
CA LYS B 77 48.86 -9.26 -20.15
C LYS B 77 49.59 -9.26 -21.48
N ILE B 78 48.85 -9.38 -22.60
CA ILE B 78 49.50 -9.34 -23.89
C ILE B 78 50.13 -7.97 -24.14
N LEU B 79 49.40 -6.90 -23.81
CA LEU B 79 49.94 -5.56 -24.05
C LEU B 79 51.14 -5.23 -23.17
N LYS B 80 51.29 -5.87 -22.00
CA LYS B 80 52.54 -5.72 -21.25
C LYS B 80 53.72 -6.22 -22.05
N CYS B 81 53.49 -7.05 -23.07
CA CYS B 81 54.57 -7.55 -23.92
C CYS B 81 54.96 -6.58 -25.02
N ALA B 82 54.33 -5.41 -25.09
CA ALA B 82 54.70 -4.36 -26.02
C ALA B 82 55.60 -3.35 -25.30
N GLY B 83 56.64 -2.89 -25.98
CA GLY B 83 57.41 -1.78 -25.46
C GLY B 83 56.66 -0.47 -25.59
N ASN B 84 57.07 0.52 -24.80
CA ASN B 84 56.35 1.78 -24.74
C ASN B 84 56.48 2.60 -26.01
N GLU B 85 57.48 2.32 -26.84
CA GLU B 85 57.63 3.02 -28.11
C GLU B 85 57.16 2.17 -29.29
N ASP B 86 56.57 1.00 -29.03
CA ASP B 86 56.18 0.12 -30.12
C ASP B 86 55.01 0.69 -30.92
N ILE B 87 55.04 0.41 -32.21
CA ILE B 87 53.86 0.54 -33.06
C ILE B 87 52.99 -0.70 -32.82
N ILE B 88 51.70 -0.49 -32.58
CA ILE B 88 50.80 -1.59 -32.29
C ILE B 88 49.70 -1.65 -33.34
N THR B 89 49.52 -2.80 -33.96
CA THR B 89 48.46 -3.05 -34.92
C THR B 89 47.50 -4.07 -34.35
N LEU B 90 46.20 -3.76 -34.38
CA LEU B 90 45.14 -4.70 -34.03
C LEU B 90 44.49 -5.25 -35.30
N ARG B 91 44.14 -6.52 -35.29
CA ARG B 91 43.56 -7.15 -36.47
C ARG B 91 42.62 -8.29 -36.13
N ALA B 92 41.44 -8.27 -36.73
CA ALA B 92 40.46 -9.35 -36.57
C ALA B 92 39.89 -9.78 -37.92
N GLU B 93 39.74 -11.09 -38.09
CA GLU B 93 39.22 -11.64 -39.35
C GLU B 93 37.69 -11.76 -39.33
N ASP B 94 37.13 -12.30 -40.42
CA ASP B 94 35.69 -12.27 -40.63
C ASP B 94 34.95 -13.04 -39.53
N ASN B 95 35.47 -14.20 -39.18
CA ASN B 95 34.90 -15.00 -38.11
C ASN B 95 34.78 -14.26 -36.82
N ALA B 96 35.86 -13.55 -36.49
CA ALA B 96 36.18 -13.05 -35.16
C ALA B 96 36.25 -14.14 -34.11
N ASP B 97 37.10 -15.12 -34.33
CA ASP B 97 37.48 -16.08 -33.34
C ASP B 97 38.63 -15.50 -32.51
N THR B 98 39.54 -14.74 -33.10
CA THR B 98 40.66 -14.30 -32.29
C THR B 98 40.99 -12.86 -32.68
N LEU B 99 41.69 -12.18 -31.80
CA LEU B 99 42.22 -10.86 -32.08
C LEU B 99 43.74 -10.95 -32.19
N ALA B 100 44.28 -10.47 -33.30
CA ALA B 100 45.72 -10.47 -33.48
C ALA B 100 46.27 -9.12 -33.07
N LEU B 101 47.40 -9.12 -32.36
CA LEU B 101 48.09 -7.91 -31.96
C LEU B 101 49.53 -8.01 -32.39
N VAL B 102 50.03 -7.00 -33.11
CA VAL B 102 51.37 -7.01 -33.69
C VAL B 102 52.12 -5.81 -33.10
N PHE B 103 53.27 -6.07 -32.49
CA PHE B 103 54.10 -5.02 -31.88
C PHE B 103 55.37 -4.88 -32.70
N GLU B 104 55.69 -3.65 -33.13
CA GLU B 104 56.88 -3.36 -33.91
C GLU B 104 57.58 -2.11 -33.38
N ALA B 105 58.89 -2.01 -33.64
CA ALA B 105 59.58 -0.73 -33.52
C ALA B 105 59.92 -0.16 -34.89
N PRO B 106 60.37 1.08 -34.97
CA PRO B 106 60.74 1.58 -36.27
C PRO B 106 61.97 0.89 -36.86
N ASN B 107 62.84 0.33 -36.04
CA ASN B 107 63.95 -0.42 -36.59
C ASN B 107 63.56 -1.78 -37.08
N GLN B 108 62.48 -2.34 -36.60
CA GLN B 108 62.04 -3.64 -37.07
C GLN B 108 62.87 -4.85 -36.68
N GLU B 109 63.81 -4.72 -35.77
CA GLU B 109 64.64 -5.84 -35.37
C GLU B 109 63.83 -6.94 -34.65
N LYS B 110 62.93 -6.49 -33.84
CA LYS B 110 61.97 -7.27 -33.05
C LYS B 110 60.53 -7.02 -33.51
N VAL B 111 59.87 -8.06 -34.01
CA VAL B 111 58.45 -8.00 -34.36
C VAL B 111 57.75 -9.09 -33.58
N SER B 112 56.71 -8.73 -32.83
CA SER B 112 55.99 -9.68 -32.02
C SER B 112 54.55 -9.80 -32.51
N ASP B 113 54.03 -11.02 -32.50
CA ASP B 113 52.68 -11.31 -32.97
C ASP B 113 51.98 -12.13 -31.90
N TYR B 114 50.88 -11.62 -31.38
CA TYR B 114 50.10 -12.34 -30.38
C TYR B 114 48.71 -12.56 -30.95
N GLU B 115 48.14 -13.67 -30.61
CA GLU B 115 46.77 -13.92 -30.94
C GLU B 115 46.04 -14.36 -29.72
N MET B 116 44.98 -13.64 -29.48
CA MET B 116 44.22 -13.74 -28.24
C MET B 116 42.83 -14.31 -28.55
N LYS B 117 42.43 -15.33 -27.81
CA LYS B 117 41.08 -15.85 -27.97
C LYS B 117 40.04 -14.82 -27.53
N LEU B 118 39.01 -14.65 -28.36
CA LEU B 118 37.87 -13.84 -28.00
C LEU B 118 36.90 -14.65 -27.13
N MET B 119 35.85 -13.99 -26.66
CA MET B 119 34.76 -14.64 -25.94
C MET B 119 33.44 -14.20 -26.55
N ASP B 120 32.37 -14.90 -26.16
CA ASP B 120 31.02 -14.45 -26.42
C ASP B 120 30.45 -13.82 -25.16
N LEU B 121 29.96 -12.60 -25.28
CA LEU B 121 29.41 -11.83 -24.17
C LEU B 121 28.05 -11.32 -24.56
N ASP B 122 27.17 -11.14 -23.57
CA ASP B 122 25.86 -10.52 -23.80
C ASP B 122 26.24 -9.09 -24.09
N VAL B 123 26.20 -8.70 -25.36
CA VAL B 123 26.53 -7.34 -25.77
C VAL B 123 25.19 -6.66 -25.49
N GLU B 124 25.11 -5.92 -24.39
CA GLU B 124 24.03 -5.22 -23.69
C GLU B 124 24.35 -3.74 -23.89
N GLN B 125 24.04 -2.96 -24.92
CA GLN B 125 24.57 -1.62 -24.73
C GLN B 125 23.49 -0.64 -24.30
N LEU B 126 24.04 0.37 -23.65
CA LEU B 126 23.32 1.45 -23.04
C LEU B 126 23.69 2.72 -23.78
N GLY B 127 23.11 3.85 -23.43
CA GLY B 127 23.53 5.13 -23.93
C GLY B 127 23.46 6.15 -22.81
N ILE B 128 24.15 7.26 -22.99
CA ILE B 128 24.15 8.34 -22.02
C ILE B 128 23.72 9.62 -22.75
N PRO B 129 22.69 10.32 -22.27
CA PRO B 129 22.30 11.60 -22.89
C PRO B 129 23.37 12.66 -22.64
N GLU B 130 23.85 13.27 -23.71
CA GLU B 130 24.69 14.46 -23.64
C GLU B 130 23.95 15.54 -22.86
N GLN B 131 24.37 15.85 -21.64
CA GLN B 131 23.74 16.89 -20.83
C GLN B 131 24.77 17.95 -20.46
N GLU B 132 24.28 19.06 -19.94
CA GLU B 132 25.04 20.05 -19.22
C GLU B 132 25.01 19.73 -17.74
N TYR B 133 26.05 20.13 -17.02
CA TYR B 133 26.14 19.86 -15.60
C TYR B 133 26.18 21.17 -14.84
N SER B 134 25.65 21.16 -13.62
CA SER B 134 25.73 22.36 -12.80
C SER B 134 27.19 22.78 -12.64
N CYS B 135 28.08 21.81 -12.39
CA CYS B 135 29.48 22.07 -12.10
C CYS B 135 30.39 21.20 -12.96
N VAL B 136 31.36 21.86 -13.62
CA VAL B 136 32.38 21.18 -14.40
C VAL B 136 33.73 21.69 -13.94
N VAL B 137 34.55 20.80 -13.37
CA VAL B 137 35.85 21.14 -12.81
C VAL B 137 36.93 20.53 -13.71
N LYS B 138 37.83 21.37 -14.20
CA LYS B 138 39.00 20.89 -14.92
C LYS B 138 40.23 21.16 -14.06
N MET B 139 41.08 20.14 -13.90
CA MET B 139 42.18 20.26 -12.96
C MET B 139 43.26 19.25 -13.35
N PRO B 140 44.49 19.43 -12.86
CA PRO B 140 45.55 18.45 -13.21
C PRO B 140 45.18 17.06 -12.69
N SER B 141 45.47 16.05 -13.52
CA SER B 141 45.06 14.70 -13.20
C SER B 141 45.88 14.13 -12.04
N GLY B 142 47.16 14.49 -11.95
CA GLY B 142 47.97 14.05 -10.82
C GLY B 142 47.44 14.57 -9.50
N GLU B 143 46.95 15.81 -9.48
CA GLU B 143 46.41 16.41 -8.25
C GLU B 143 45.14 15.68 -7.79
N PHE B 144 44.24 15.39 -8.72
CA PHE B 144 43.03 14.65 -8.38
C PHE B 144 43.35 13.25 -7.86
N ALA B 145 44.29 12.55 -8.51
CA ALA B 145 44.66 11.23 -8.01
C ALA B 145 45.21 11.29 -6.60
N ARG B 146 46.04 12.29 -6.33
CA ARG B 146 46.62 12.46 -5.00
C ARG B 146 45.51 12.66 -3.96
N ILE B 147 44.61 13.59 -4.23
CA ILE B 147 43.48 13.86 -3.33
C ILE B 147 42.71 12.57 -3.04
N CYS B 148 42.36 11.80 -4.09
CA CYS B 148 41.56 10.58 -3.87
C CYS B 148 42.32 9.54 -3.06
N ARG B 149 43.61 9.42 -3.31
CA ARG B 149 44.40 8.47 -2.55
C ARG B 149 44.57 8.90 -1.09
N ASP B 150 44.86 10.17 -0.84
CA ASP B 150 45.02 10.65 0.53
C ASP B 150 43.72 10.55 1.33
N LEU B 151 42.61 11.04 0.77
CA LEU B 151 41.35 11.00 1.52
C LEU B 151 40.89 9.56 1.78
N SER B 152 41.26 8.62 0.91
CA SER B 152 40.88 7.23 1.18
C SER B 152 41.62 6.63 2.37
N HIS B 153 42.66 7.28 2.90
CA HIS B 153 43.20 6.84 4.19
C HIS B 153 42.48 7.50 5.36
N ILE B 154 41.57 8.43 5.08
CA ILE B 154 40.74 9.04 6.11
C ILE B 154 39.37 8.37 6.20
N GLY B 155 38.73 8.12 5.04
CA GLY B 155 37.42 7.49 5.05
C GLY B 155 37.11 6.79 3.75
N ASP B 156 35.88 6.26 3.69
CA ASP B 156 35.40 5.48 2.55
C ASP B 156 34.78 6.33 1.46
N ALA B 157 34.27 7.50 1.81
CA ALA B 157 33.51 8.33 0.90
C ALA B 157 34.06 9.75 0.92
N VAL B 158 33.88 10.46 -0.18
CA VAL B 158 34.32 11.84 -0.31
C VAL B 158 33.11 12.69 -0.66
N VAL B 159 32.94 13.78 0.09
CA VAL B 159 31.95 14.80 -0.26
C VAL B 159 32.64 15.83 -1.12
N ILE B 160 32.15 16.01 -2.34
CA ILE B 160 32.68 16.99 -3.28
C ILE B 160 31.72 18.17 -3.32
N SER B 161 32.16 19.33 -2.83
CA SER B 161 31.37 20.56 -2.82
C SER B 161 31.97 21.51 -3.85
N CYS B 162 31.16 21.87 -4.87
CA CYS B 162 31.63 22.70 -5.96
C CYS B 162 30.91 24.04 -5.88
N ALA B 163 31.70 25.12 -5.88
CA ALA B 163 31.19 26.48 -5.88
C ALA B 163 31.88 27.26 -6.99
N LYS B 164 31.47 28.53 -7.16
CA LYS B 164 32.01 29.29 -8.29
C LYS B 164 33.50 29.56 -8.11
N ASP B 165 33.99 29.76 -6.89
CA ASP B 165 35.36 30.17 -6.68
C ASP B 165 36.30 29.04 -6.27
N GLY B 166 35.78 27.84 -6.00
CA GLY B 166 36.65 26.74 -5.59
C GLY B 166 35.87 25.46 -5.39
N VAL B 167 36.62 24.37 -5.24
CA VAL B 167 36.04 23.06 -5.03
C VAL B 167 36.70 22.44 -3.80
N LYS B 168 35.89 21.82 -2.95
CA LYS B 168 36.33 21.20 -1.71
C LYS B 168 36.07 19.69 -1.77
N PHE B 169 37.00 18.90 -1.20
CA PHE B 169 36.86 17.46 -1.04
C PHE B 169 37.00 17.11 0.44
N SER B 170 36.04 16.37 0.98
CA SER B 170 35.98 16.09 2.41
C SER B 170 35.72 14.61 2.65
N ALA B 171 36.33 14.07 3.71
CA ALA B 171 36.10 12.69 4.13
C ALA B 171 36.21 12.64 5.64
N SER B 172 35.63 11.59 6.23
CA SER B 172 35.76 11.40 7.67
C SER B 172 35.66 9.94 8.02
N GLY B 173 36.33 9.58 9.10
CA GLY B 173 36.33 8.21 9.54
C GLY B 173 36.83 8.12 10.95
N GLU B 174 37.32 6.92 11.28
CA GLU B 174 37.85 6.62 12.61
C GLU B 174 38.88 7.64 13.07
N LEU B 175 39.89 7.92 12.24
CA LEU B 175 41.01 8.78 12.65
C LEU B 175 40.56 10.20 12.94
N GLY B 176 39.54 10.68 12.27
CA GLY B 176 39.19 12.08 12.25
C GLY B 176 38.65 12.46 10.88
N ASN B 177 38.82 13.71 10.51
CA ASN B 177 38.29 14.13 9.21
C ASN B 177 39.28 15.07 8.55
N GLY B 178 39.04 15.30 7.27
CA GLY B 178 39.95 16.07 6.45
C GLY B 178 39.19 16.74 5.33
N ASN B 179 39.66 17.92 4.94
CA ASN B 179 39.07 18.72 3.89
C ASN B 179 40.20 19.29 3.05
N ILE B 180 40.02 19.26 1.74
CA ILE B 180 41.02 19.74 0.81
C ILE B 180 40.35 20.79 -0.07
N LYS B 181 40.85 22.03 -0.02
CA LYS B 181 40.25 23.13 -0.78
C LYS B 181 41.14 23.52 -1.94
N LEU B 182 40.55 23.56 -3.14
CA LEU B 182 41.23 23.95 -4.37
C LEU B 182 40.64 25.27 -4.86
N SER B 183 41.51 26.24 -5.11
CA SER B 183 41.06 27.51 -5.66
C SER B 183 41.24 27.52 -7.17
N GLN B 184 40.33 28.20 -7.86
CA GLN B 184 40.56 28.54 -9.26
C GLN B 184 41.87 29.31 -9.42
N THR B 185 42.63 28.98 -10.47
CA THR B 185 43.87 29.67 -10.78
C THR B 185 43.66 30.72 -11.86
N SER B 186 44.58 31.68 -11.93
CA SER B 186 44.52 32.77 -12.90
C SER B 186 45.46 32.58 -14.09
N ASN B 187 46.70 32.16 -13.83
CA ASN B 187 47.76 31.98 -14.85
C ASN B 187 48.23 33.33 -15.38
N GLU B 193 48.77 23.66 -15.37
CA GLU B 193 48.38 23.18 -14.04
C GLU B 193 47.25 24.02 -13.48
N ALA B 194 46.35 24.43 -14.38
CA ALA B 194 45.24 25.27 -14.01
C ALA B 194 44.14 24.47 -13.31
N VAL B 195 43.39 25.15 -12.47
CA VAL B 195 42.12 24.65 -11.96
C VAL B 195 41.05 25.64 -12.38
N THR B 196 40.12 25.19 -13.20
CA THR B 196 39.05 26.06 -13.68
C THR B 196 37.71 25.43 -13.40
N ILE B 197 36.74 26.27 -13.06
CA ILE B 197 35.40 25.83 -12.68
C ILE B 197 34.40 26.61 -13.52
N GLU B 198 33.58 25.90 -14.30
CA GLU B 198 32.49 26.49 -15.07
C GLU B 198 31.20 26.03 -14.41
N MET B 199 30.61 26.93 -13.64
CA MET B 199 29.58 26.65 -12.67
C MET B 199 28.28 27.34 -13.00
N ASN B 200 27.18 26.60 -13.00
CA ASN B 200 25.84 27.16 -13.19
C ASN B 200 25.00 27.11 -11.94
N GLU B 201 25.37 26.28 -10.97
CA GLU B 201 24.67 26.10 -9.71
C GLU B 201 25.56 25.30 -8.78
N PRO B 202 25.63 25.61 -7.48
CA PRO B 202 26.49 24.84 -6.58
C PRO B 202 25.99 23.41 -6.44
N VAL B 203 26.94 22.50 -6.22
CA VAL B 203 26.63 21.08 -6.04
C VAL B 203 27.37 20.57 -4.82
N GLN B 204 26.78 19.57 -4.17
CA GLN B 204 27.43 18.87 -3.08
C GLN B 204 26.98 17.42 -3.16
N LEU B 205 27.92 16.52 -3.44
CA LEU B 205 27.63 15.11 -3.67
C LEU B 205 28.66 14.25 -2.97
N THR B 206 28.28 13.01 -2.68
CA THR B 206 29.11 12.06 -1.96
C THR B 206 29.36 10.85 -2.85
N PHE B 207 30.62 10.40 -2.90
CA PHE B 207 31.02 9.31 -3.77
C PHE B 207 31.94 8.36 -3.02
N ALA B 208 31.93 7.10 -3.44
CA ALA B 208 32.78 6.08 -2.84
C ALA B 208 34.21 6.25 -3.37
N LEU B 209 35.16 6.43 -2.45
CA LEU B 209 36.55 6.65 -2.86
C LEU B 209 37.14 5.42 -3.53
N ARG B 210 36.62 4.23 -3.21
CA ARG B 210 37.18 3.01 -3.77
C ARG B 210 37.12 3.02 -5.29
N TYR B 211 36.02 3.53 -5.85
CA TYR B 211 35.85 3.57 -7.30
C TYR B 211 36.65 4.70 -7.92
N LEU B 212 36.69 5.85 -7.27
CA LEU B 212 37.51 6.94 -7.78
C LEU B 212 38.96 6.50 -7.93
N ASN B 213 39.46 5.71 -6.99
CA ASN B 213 40.84 5.24 -7.07
C ASN B 213 41.04 4.22 -8.19
N PHE B 214 39.98 3.53 -8.64
CA PHE B 214 40.10 2.80 -9.90
C PHE B 214 40.19 3.75 -11.08
N PHE B 215 39.37 4.81 -11.09
CA PHE B 215 39.34 5.72 -12.23
C PHE B 215 40.71 6.36 -12.47
N THR B 216 41.44 6.69 -11.40
CA THR B 216 42.69 7.43 -11.56
C THR B 216 43.82 6.54 -12.07
N LYS B 217 43.56 5.25 -12.27
CA LYS B 217 44.47 4.44 -13.07
C LYS B 217 44.58 4.95 -14.51
N ALA B 218 43.68 5.83 -14.95
CA ALA B 218 43.78 6.46 -16.28
C ALA B 218 44.66 7.71 -16.28
N THR B 219 45.18 8.11 -15.13
CA THR B 219 45.99 9.32 -15.05
C THR B 219 47.11 9.40 -16.09
N PRO B 220 47.86 8.33 -16.42
CA PRO B 220 48.90 8.45 -17.45
C PRO B 220 48.40 8.89 -18.83
N LEU B 221 47.11 8.80 -19.11
CA LEU B 221 46.63 9.16 -20.44
C LEU B 221 46.55 10.67 -20.65
N SER B 222 46.51 11.46 -19.58
CA SER B 222 46.27 12.88 -19.77
C SER B 222 46.76 13.65 -18.55
N SER B 223 47.28 14.84 -18.79
CA SER B 223 47.72 15.66 -17.68
C SER B 223 46.57 16.42 -17.03
N THR B 224 45.38 16.40 -17.61
CA THR B 224 44.21 16.99 -16.98
C THR B 224 43.07 15.98 -16.90
N VAL B 225 42.20 16.20 -15.94
CA VAL B 225 40.98 15.44 -15.79
C VAL B 225 39.87 16.45 -15.64
N THR B 226 38.66 16.05 -16.04
CA THR B 226 37.47 16.87 -15.93
C THR B 226 36.44 16.14 -15.07
N LEU B 227 35.90 16.83 -14.09
CA LEU B 227 34.81 16.30 -13.27
C LEU B 227 33.53 17.06 -13.59
N SER B 228 32.46 16.33 -13.93
CA SER B 228 31.17 16.92 -14.28
C SER B 228 30.10 16.42 -13.32
N MET B 229 29.39 17.37 -12.70
CA MET B 229 28.50 17.07 -11.59
C MET B 229 27.19 17.83 -11.69
N SER B 230 26.09 17.16 -11.37
CA SER B 230 24.81 17.79 -11.07
C SER B 230 24.15 16.99 -9.96
N ALA B 231 23.15 17.57 -9.32
CA ALA B 231 22.46 16.88 -8.24
C ALA B 231 21.83 15.58 -8.72
N ASP B 232 21.88 14.55 -7.87
CA ASP B 232 21.18 13.29 -8.08
C ASP B 232 21.59 12.53 -9.35
N VAL B 233 22.69 12.91 -10.03
CA VAL B 233 23.06 12.24 -11.29
C VAL B 233 24.47 11.69 -11.14
N PRO B 234 24.88 10.68 -11.90
CA PRO B 234 26.25 10.18 -11.74
C PRO B 234 27.29 11.26 -12.04
N LEU B 235 28.38 11.23 -11.27
CA LEU B 235 29.58 11.99 -11.62
C LEU B 235 30.20 11.45 -12.90
N VAL B 236 30.73 12.33 -13.74
CA VAL B 236 31.54 11.97 -14.91
C VAL B 236 32.99 12.39 -14.64
N VAL B 237 33.90 11.44 -14.71
CA VAL B 237 35.33 11.68 -14.60
C VAL B 237 35.95 11.38 -15.96
N GLU B 238 36.45 12.39 -16.65
CA GLU B 238 36.82 12.26 -18.05
C GLU B 238 38.31 12.58 -18.27
N TYR B 239 39.00 11.67 -18.97
CA TYR B 239 40.37 11.82 -19.39
C TYR B 239 40.42 11.84 -20.91
N LYS B 240 40.95 12.92 -21.48
CA LYS B 240 41.13 13.07 -22.92
C LYS B 240 42.29 12.22 -23.40
N ILE B 241 42.12 11.51 -24.52
CA ILE B 241 43.18 10.75 -25.16
C ILE B 241 43.54 11.54 -26.42
N ALA B 242 44.62 12.33 -26.34
CA ALA B 242 44.80 13.47 -27.23
C ALA B 242 44.79 13.04 -28.69
N ASP B 243 44.01 13.77 -29.49
CA ASP B 243 43.88 13.56 -30.93
C ASP B 243 43.19 12.25 -31.27
N MET B 244 42.26 11.81 -30.44
CA MET B 244 41.81 10.44 -30.61
C MET B 244 40.46 10.14 -29.97
N GLY B 245 40.22 10.64 -28.77
CA GLY B 245 39.01 10.29 -28.05
C GLY B 245 39.12 10.52 -26.57
N HIS B 246 38.57 9.60 -25.77
CA HIS B 246 38.51 9.85 -24.33
C HIS B 246 38.22 8.54 -23.61
N LEU B 247 38.47 8.58 -22.31
CA LEU B 247 38.00 7.57 -21.37
C LEU B 247 37.18 8.30 -20.32
N LYS B 248 35.91 7.93 -20.18
CA LYS B 248 34.96 8.55 -19.26
C LYS B 248 34.50 7.49 -18.26
N TYR B 249 34.52 7.86 -16.98
CA TYR B 249 34.01 7.02 -15.92
C TYR B 249 32.79 7.70 -15.31
N TYR B 250 31.76 6.92 -15.04
CA TYR B 250 30.52 7.39 -14.42
C TYR B 250 30.38 6.75 -13.06
N LEU B 251 30.07 7.55 -12.03
CA LEU B 251 29.96 7.03 -10.68
C LEU B 251 28.64 7.50 -10.08
N ALA B 252 27.82 6.54 -9.65
CA ALA B 252 26.55 6.88 -9.05
C ALA B 252 26.77 7.44 -7.65
N PRO B 253 26.15 8.55 -7.30
CA PRO B 253 26.36 9.13 -5.96
C PRO B 253 25.69 8.29 -4.88
N LYS B 254 26.03 8.64 -3.64
CA LYS B 254 25.49 7.97 -2.46
C LYS B 254 24.25 8.71 -1.97
N ILE B 255 23.30 7.94 -1.48
CA ILE B 255 21.95 8.39 -1.11
C ILE B 255 21.32 9.13 -2.27
N MET C 1 -43.52 7.10 35.50
CA MET C 1 -43.14 6.05 34.59
C MET C 1 -43.26 6.64 33.20
N PHE C 2 -42.29 6.30 32.38
CA PHE C 2 -42.23 6.68 30.99
C PHE C 2 -41.97 5.40 30.21
N GLU C 3 -42.63 5.27 29.07
CA GLU C 3 -42.41 4.09 28.26
C GLU C 3 -42.75 4.43 26.83
N ALA C 4 -41.83 4.12 25.93
CA ALA C 4 -42.05 4.39 24.52
C ALA C 4 -41.51 3.22 23.71
N ARG C 5 -42.37 2.69 22.86
CA ARG C 5 -42.05 1.55 22.02
C ARG C 5 -41.89 2.05 20.60
N LEU C 6 -40.76 1.72 19.99
CA LEU C 6 -40.48 2.12 18.62
C LEU C 6 -40.19 0.85 17.80
N VAL C 7 -41.10 0.52 16.90
CA VAL C 7 -40.93 -0.68 16.08
C VAL C 7 -39.72 -0.53 15.16
N GLN C 8 -39.56 0.65 14.55
CA GLN C 8 -38.40 0.92 13.71
C GLN C 8 -37.24 1.38 14.60
N GLY C 9 -36.72 0.44 15.38
CA GLY C 9 -35.70 0.75 16.37
C GLY C 9 -34.43 1.33 15.77
N SER C 10 -34.16 1.04 14.49
CA SER C 10 -32.99 1.56 13.81
C SER C 10 -32.96 3.09 13.82
N ILE C 11 -34.12 3.75 13.96
CA ILE C 11 -34.14 5.20 14.07
C ILE C 11 -33.35 5.66 15.28
N LEU C 12 -33.52 4.97 16.42
CA LEU C 12 -32.78 5.31 17.63
C LEU C 12 -31.30 5.02 17.49
N LYS C 13 -30.95 3.86 16.88
CA LYS C 13 -29.55 3.56 16.62
C LYS C 13 -28.88 4.69 15.82
N LYS C 14 -29.54 5.14 14.74
CA LYS C 14 -28.98 6.20 13.90
C LYS C 14 -28.93 7.54 14.62
N VAL C 15 -29.94 7.84 15.44
CA VAL C 15 -29.92 9.10 16.19
C VAL C 15 -28.69 9.15 17.09
N LEU C 16 -28.45 8.06 17.85
CA LEU C 16 -27.31 8.10 18.76
C LEU C 16 -25.99 8.14 18.01
N GLU C 17 -25.90 7.45 16.85
CA GLU C 17 -24.67 7.56 16.06
C GLU C 17 -24.48 8.99 15.55
N ALA C 18 -25.56 9.71 15.26
CA ALA C 18 -25.49 11.09 14.80
C ALA C 18 -25.22 12.09 15.91
N LEU C 19 -25.27 11.67 17.17
CA LEU C 19 -25.11 12.57 18.32
C LEU C 19 -23.77 12.38 19.01
N LYS C 20 -23.37 11.13 19.23
CA LYS C 20 -22.31 10.82 20.18
C LYS C 20 -20.96 11.40 19.79
N ASP C 21 -20.75 11.74 18.52
CA ASP C 21 -19.45 12.32 18.19
C ASP C 21 -19.42 13.83 18.45
N LEU C 22 -20.58 14.48 18.38
CA LEU C 22 -20.68 15.91 18.63
C LEU C 22 -20.77 16.24 20.11
N ILE C 23 -21.50 15.44 20.91
CA ILE C 23 -21.74 15.75 22.31
C ILE C 23 -21.63 14.50 23.17
N ASN C 24 -21.08 14.66 24.37
CA ASN C 24 -20.87 13.57 25.31
C ASN C 24 -22.11 13.29 26.15
N GLU C 25 -22.75 14.33 26.66
CA GLU C 25 -23.83 14.22 27.62
C GLU C 25 -24.95 15.15 27.23
N ALA C 26 -26.17 14.71 27.42
CA ALA C 26 -27.30 15.53 27.03
C ALA C 26 -28.47 15.14 27.89
N CYS C 27 -29.44 16.04 27.94
CA CYS C 27 -30.65 15.86 28.72
C CYS C 27 -31.78 15.54 27.76
N TRP C 28 -32.42 14.39 27.95
CA TRP C 28 -33.59 14.02 27.19
C TRP C 28 -34.81 14.56 27.92
N ASP C 29 -35.48 15.55 27.34
CA ASP C 29 -36.69 16.10 27.92
C ASP C 29 -37.87 15.29 27.43
N ILE C 30 -38.48 14.52 28.34
CA ILE C 30 -39.65 13.80 27.90
C ILE C 30 -40.89 14.42 28.52
N SER C 31 -41.88 14.51 27.65
CA SER C 31 -43.18 15.03 28.00
C SER C 31 -44.19 14.26 27.18
N SER C 32 -45.47 14.54 27.42
CA SER C 32 -46.50 13.83 26.67
C SER C 32 -46.48 14.17 25.19
N SER C 33 -45.78 15.23 24.79
CA SER C 33 -45.75 15.59 23.37
C SER C 33 -44.70 14.81 22.60
N GLY C 34 -43.68 14.31 23.28
CA GLY C 34 -42.65 13.52 22.66
C GLY C 34 -41.35 13.66 23.42
N VAL C 35 -40.26 13.35 22.72
CA VAL C 35 -38.91 13.45 23.25
C VAL C 35 -38.24 14.65 22.61
N ASN C 36 -37.55 15.43 23.42
CA ASN C 36 -36.81 16.56 22.91
C ASN C 36 -35.44 16.58 23.57
N LEU C 37 -34.43 16.82 22.76
CA LEU C 37 -33.06 16.93 23.22
C LEU C 37 -32.47 18.19 22.61
N GLN C 38 -31.72 18.93 23.42
CA GLN C 38 -31.12 20.17 22.96
C GLN C 38 -29.79 20.33 23.69
N SER C 39 -28.70 20.40 22.94
CA SER C 39 -27.40 20.51 23.59
C SER C 39 -26.42 21.22 22.67
N MET C 40 -25.63 22.11 23.27
CA MET C 40 -24.47 22.73 22.65
C MET C 40 -23.27 21.81 22.78
N ASP C 41 -22.41 21.81 21.78
CA ASP C 41 -21.16 21.10 21.96
C ASP C 41 -20.28 21.90 22.93
N SER C 42 -19.21 21.26 23.42
CA SER C 42 -18.43 21.87 24.50
C SER C 42 -17.85 23.23 24.11
N SER C 43 -17.49 23.39 22.83
CA SER C 43 -16.89 24.64 22.35
C SER C 43 -17.92 25.73 22.08
N HIS C 44 -19.20 25.41 22.27
CA HIS C 44 -20.27 26.38 22.05
C HIS C 44 -20.34 26.89 20.63
N VAL C 45 -19.73 26.15 19.70
CA VAL C 45 -19.76 26.51 18.29
C VAL C 45 -21.00 25.93 17.58
N SER C 46 -21.51 24.79 18.03
CA SER C 46 -22.68 24.18 17.42
C SER C 46 -23.67 23.73 18.49
N LEU C 47 -24.90 23.54 18.04
CA LEU C 47 -25.96 23.04 18.88
C LEU C 47 -26.78 22.05 18.06
N VAL C 48 -27.21 20.97 18.69
CA VAL C 48 -28.07 19.99 18.04
C VAL C 48 -29.40 19.92 18.77
N GLN C 49 -30.48 19.82 17.99
CA GLN C 49 -31.84 19.74 18.53
C GLN C 49 -32.57 18.57 17.92
N LEU C 50 -33.01 17.65 18.76
CA LEU C 50 -33.70 16.43 18.35
C LEU C 50 -35.16 16.52 18.78
N THR C 51 -36.05 16.18 17.87
CA THR C 51 -37.48 16.11 18.14
C THR C 51 -38.00 14.76 17.69
N LEU C 52 -38.57 13.98 18.62
CA LEU C 52 -39.27 12.73 18.32
C LEU C 52 -40.68 12.84 18.90
N ARG C 53 -41.67 13.03 18.03
CA ARG C 53 -43.04 13.27 18.50
C ARG C 53 -43.68 11.99 19.02
N SER C 54 -44.39 12.13 20.16
CA SER C 54 -45.29 11.13 20.73
C SER C 54 -45.94 10.23 19.69
N GLU C 55 -46.57 10.85 18.68
CA GLU C 55 -47.33 10.14 17.67
C GLU C 55 -46.45 9.30 16.75
N GLY C 56 -45.14 9.59 16.71
CA GLY C 56 -44.23 8.77 15.90
C GLY C 56 -43.94 7.41 16.50
N PHE C 57 -44.16 7.24 17.80
CA PHE C 57 -43.93 5.96 18.46
C PHE C 57 -45.15 5.04 18.32
N ASP C 58 -44.91 3.75 18.47
CA ASP C 58 -46.00 2.78 18.35
C ASP C 58 -46.80 2.70 19.63
N THR C 59 -46.15 2.81 20.78
CA THR C 59 -46.82 3.17 22.02
C THR C 59 -45.97 4.23 22.70
N TYR C 60 -46.63 5.14 23.39
CA TYR C 60 -45.92 6.23 24.03
C TYR C 60 -46.67 6.58 25.29
N ARG C 61 -46.04 6.60 26.42
CA ARG C 61 -46.63 7.08 27.62
C ARG C 61 -45.71 7.86 28.59
N CYS C 62 -46.10 9.08 28.97
CA CYS C 62 -45.44 9.94 29.94
C CYS C 62 -46.45 10.28 31.05
N ASP C 63 -46.32 9.57 32.19
CA ASP C 63 -47.15 9.89 33.34
C ASP C 63 -46.82 11.27 33.89
N ARG C 64 -45.61 11.71 33.63
CA ARG C 64 -45.11 12.93 34.18
C ARG C 64 -43.89 13.38 33.45
N ASN C 65 -43.67 14.67 33.31
CA ASN C 65 -42.52 15.16 32.57
C ASN C 65 -41.21 14.80 33.27
N LEU C 66 -40.21 14.42 32.48
CA LEU C 66 -38.90 13.96 32.94
C LEU C 66 -37.80 14.73 32.21
N ALA C 67 -36.64 14.84 32.86
CA ALA C 67 -35.43 15.32 32.20
C ALA C 67 -34.31 14.35 32.56
N MET C 68 -34.08 13.33 31.72
CA MET C 68 -33.06 12.33 31.98
C MET C 68 -31.69 12.79 31.49
N GLY C 69 -30.71 12.74 32.37
CA GLY C 69 -29.34 13.05 32.02
C GLY C 69 -28.57 11.81 31.60
N VAL C 70 -28.09 11.79 30.36
CA VAL C 70 -27.59 10.59 29.69
C VAL C 70 -26.17 10.84 29.18
N ASN C 71 -25.28 9.93 29.51
CA ASN C 71 -24.01 9.84 28.79
C ASN C 71 -24.28 9.22 27.40
N LEU C 72 -24.08 10.01 26.35
CA LEU C 72 -24.45 9.57 25.00
C LEU C 72 -23.51 8.50 24.48
N THR C 73 -22.25 8.54 24.89
CA THR C 73 -21.33 7.45 24.56
C THR C 73 -21.82 6.13 25.14
N SER C 74 -22.27 6.13 26.40
CA SER C 74 -22.76 4.90 26.99
C SER C 74 -24.04 4.43 26.32
N MET C 75 -24.97 5.36 26.06
CA MET C 75 -26.20 4.95 25.37
C MET C 75 -25.90 4.47 23.95
N SER C 76 -24.92 5.09 23.29
CA SER C 76 -24.49 4.63 21.97
C SER C 76 -24.00 3.19 22.02
N LYS C 77 -23.18 2.88 23.01
CA LYS C 77 -22.66 1.53 23.18
C LYS C 77 -23.78 0.52 23.37
N ILE C 78 -24.77 0.87 24.19
CA ILE C 78 -25.87 -0.06 24.42
C ILE C 78 -26.66 -0.27 23.13
N LEU C 79 -26.94 0.81 22.39
CA LEU C 79 -27.74 0.67 21.19
C LEU C 79 -27.03 -0.11 20.09
N LYS C 80 -25.69 -0.19 20.12
CA LYS C 80 -25.00 -1.08 19.18
C LYS C 80 -25.34 -2.53 19.47
N CYS C 81 -25.85 -2.85 20.65
CA CYS C 81 -26.28 -4.20 20.99
C CYS C 81 -27.69 -4.52 20.47
N ALA C 82 -28.33 -3.59 19.76
CA ALA C 82 -29.61 -3.84 19.12
C ALA C 82 -29.37 -4.15 17.65
N GLY C 83 -30.07 -5.14 17.12
CA GLY C 83 -30.06 -5.37 15.69
C GLY C 83 -30.84 -4.29 14.95
N ASN C 84 -30.55 -4.16 13.65
CA ASN C 84 -31.15 -3.09 12.85
C ASN C 84 -32.65 -3.25 12.63
N GLU C 85 -33.21 -4.45 12.82
CA GLU C 85 -34.64 -4.64 12.68
C GLU C 85 -35.30 -4.87 14.03
N ASP C 86 -34.60 -4.57 15.12
CA ASP C 86 -35.18 -4.80 16.44
C ASP C 86 -36.26 -3.77 16.76
N ILE C 87 -37.24 -4.21 17.52
CA ILE C 87 -38.17 -3.31 18.19
C ILE C 87 -37.49 -2.82 19.46
N ILE C 88 -37.47 -1.51 19.67
CA ILE C 88 -36.80 -0.93 20.84
C ILE C 88 -37.82 -0.21 21.71
N THR C 89 -37.83 -0.57 22.99
CA THR C 89 -38.66 0.09 23.98
C THR C 89 -37.76 0.81 24.97
N LEU C 90 -38.06 2.07 25.25
CA LEU C 90 -37.42 2.83 26.32
C LEU C 90 -38.35 2.92 27.54
N ARG C 91 -37.79 2.90 28.74
CA ARG C 91 -38.45 2.72 30.06
CA ARG C 91 -38.50 2.89 30.03
C ARG C 91 -37.76 3.18 31.46
N ALA C 92 -38.49 4.19 31.96
CA ALA C 92 -37.89 4.96 33.06
C ALA C 92 -38.92 5.00 34.18
N GLU C 93 -38.49 4.69 35.40
CA GLU C 93 -39.38 4.70 36.56
C GLU C 93 -39.49 6.10 37.17
N ASP C 94 -40.28 6.19 38.24
CA ASP C 94 -40.55 7.47 38.88
C ASP C 94 -39.25 8.17 39.27
N ASN C 95 -38.42 7.47 40.03
CA ASN C 95 -37.15 7.99 40.47
C ASN C 95 -36.35 8.55 39.33
N ALA C 96 -36.39 7.81 38.24
CA ALA C 96 -35.50 8.00 37.10
C ALA C 96 -34.07 7.98 37.60
N ASP C 97 -33.62 6.80 38.03
CA ASP C 97 -32.24 6.65 38.31
C ASP C 97 -31.61 5.84 37.17
N THR C 98 -32.38 5.07 36.41
CA THR C 98 -31.78 4.38 35.29
C THR C 98 -32.75 4.46 34.12
N LEU C 99 -32.22 4.30 32.92
CA LEU C 99 -33.03 4.13 31.73
C LEU C 99 -32.97 2.66 31.32
N ALA C 100 -34.12 2.03 31.17
CA ALA C 100 -34.17 0.66 30.69
C ALA C 100 -34.38 0.67 29.19
N LEU C 101 -33.67 -0.23 28.49
CA LEU C 101 -33.80 -0.36 27.04
C LEU C 101 -34.03 -1.83 26.71
N VAL C 102 -35.08 -2.12 25.95
CA VAL C 102 -35.47 -3.48 25.63
C VAL C 102 -35.42 -3.66 24.13
N PHE C 103 -34.66 -4.65 23.68
CA PHE C 103 -34.49 -4.95 22.27
C PHE C 103 -35.16 -6.28 21.95
N GLU C 104 -36.05 -6.28 20.96
CA GLU C 104 -36.85 -7.43 20.57
C GLU C 104 -36.88 -7.57 19.05
N ALA C 105 -37.09 -8.78 18.53
CA ALA C 105 -37.44 -8.95 17.11
C ALA C 105 -38.83 -9.60 17.00
N PRO C 106 -39.62 -9.32 15.94
CA PRO C 106 -40.95 -9.92 15.91
C PRO C 106 -41.01 -11.41 16.22
N ASN C 107 -39.96 -12.18 15.98
CA ASN C 107 -40.03 -13.59 16.34
C ASN C 107 -39.75 -13.86 17.77
N GLN C 108 -39.26 -12.87 18.47
CA GLN C 108 -39.18 -12.96 19.90
C GLN C 108 -38.24 -13.99 20.48
N GLU C 109 -37.29 -14.47 19.72
CA GLU C 109 -36.43 -15.47 20.28
C GLU C 109 -35.25 -14.92 21.06
N LYS C 110 -34.76 -13.74 20.74
CA LYS C 110 -33.76 -13.06 21.53
C LYS C 110 -34.44 -11.80 22.05
N VAL C 111 -34.52 -11.68 23.37
CA VAL C 111 -34.97 -10.44 24.01
C VAL C 111 -33.83 -9.96 24.88
N SER C 112 -33.42 -8.71 24.65
CA SER C 112 -32.31 -8.11 25.37
C SER C 112 -32.84 -6.96 26.22
N ASP C 113 -32.27 -6.85 27.42
CA ASP C 113 -32.74 -5.94 28.45
C ASP C 113 -31.51 -5.25 29.03
N TYR C 114 -31.37 -3.95 28.81
CA TYR C 114 -30.24 -3.19 29.31
C TYR C 114 -30.72 -2.11 30.25
N GLU C 115 -29.96 -1.89 31.32
CA GLU C 115 -30.18 -0.85 32.31
C GLU C 115 -28.95 0.04 32.31
N MET C 116 -29.10 1.31 31.99
CA MET C 116 -27.96 2.22 32.07
C MET C 116 -28.22 3.33 33.06
N LYS C 117 -27.19 3.65 33.83
CA LYS C 117 -27.29 4.70 34.82
C LYS C 117 -27.45 6.07 34.16
N LEU C 118 -28.36 6.87 34.70
CA LEU C 118 -28.43 8.26 34.32
C LEU C 118 -27.38 9.06 35.10
N MET C 119 -27.39 10.38 34.89
CA MET C 119 -26.51 11.27 35.63
C MET C 119 -27.24 12.59 35.86
N ASP C 120 -26.67 13.43 36.71
CA ASP C 120 -27.15 14.77 37.03
C ASP C 120 -26.50 15.76 36.06
N LEU C 121 -27.29 16.50 35.28
CA LEU C 121 -26.76 17.54 34.42
C LEU C 121 -27.47 18.85 34.74
N ASP C 122 -26.79 19.97 34.50
CA ASP C 122 -27.40 21.30 34.62
C ASP C 122 -28.34 21.34 33.43
N VAL C 123 -29.63 21.09 33.63
CA VAL C 123 -30.34 21.15 32.37
C VAL C 123 -30.79 22.61 32.41
N GLU C 124 -30.10 23.18 31.43
CA GLU C 124 -29.92 24.56 30.96
C GLU C 124 -30.81 24.64 29.72
N GLN C 125 -32.11 24.92 29.67
CA GLN C 125 -32.62 24.87 28.31
C GLN C 125 -32.65 26.26 27.67
N LEU C 126 -32.81 26.19 26.35
CA LEU C 126 -32.63 27.32 25.46
C LEU C 126 -33.70 27.22 24.37
N GLY C 127 -33.87 28.31 23.61
CA GLY C 127 -34.90 28.36 22.60
C GLY C 127 -34.39 28.91 21.29
N ILE C 128 -35.08 28.55 20.22
CA ILE C 128 -34.78 29.01 18.87
C ILE C 128 -36.02 29.70 18.30
N PRO C 129 -35.87 30.96 17.90
CA PRO C 129 -36.98 31.73 17.35
C PRO C 129 -37.26 31.37 15.90
N GLU C 130 -38.35 30.66 15.65
CA GLU C 130 -38.76 30.27 14.31
C GLU C 130 -38.69 31.44 13.34
N GLN C 131 -37.72 31.44 12.42
CA GLN C 131 -37.58 32.52 11.46
C GLN C 131 -37.70 31.93 10.07
N GLU C 132 -37.85 32.80 9.08
CA GLU C 132 -37.53 32.41 7.72
C GLU C 132 -36.12 32.90 7.40
N TYR C 133 -35.51 32.24 6.43
CA TYR C 133 -34.14 32.46 6.06
C TYR C 133 -34.07 33.03 4.66
N SER C 134 -33.02 33.80 4.39
CA SER C 134 -32.83 34.31 3.04
C SER C 134 -32.81 33.18 2.02
N CYS C 135 -32.06 32.10 2.31
CA CYS C 135 -31.91 30.97 1.40
C CYS C 135 -32.15 29.66 2.12
N VAL C 136 -32.90 28.77 1.46
CA VAL C 136 -33.16 27.42 1.96
C VAL C 136 -32.86 26.46 0.81
N VAL C 137 -31.88 25.57 1.03
CA VAL C 137 -31.41 24.63 0.02
C VAL C 137 -31.84 23.23 0.46
N LYS C 138 -32.59 22.54 -0.39
CA LYS C 138 -32.93 21.14 -0.17
C LYS C 138 -32.17 20.30 -1.19
N MET C 139 -31.45 19.29 -0.71
CA MET C 139 -30.56 18.57 -1.59
C MET C 139 -30.36 17.16 -1.03
N PRO C 140 -29.87 16.22 -1.84
CA PRO C 140 -29.64 14.86 -1.32
C PRO C 140 -28.59 14.87 -0.23
N SER C 141 -28.86 14.13 0.85
CA SER C 141 -28.00 14.15 2.01
C SER C 141 -26.63 13.54 1.70
N GLY C 142 -26.60 12.50 0.86
CA GLY C 142 -25.33 11.89 0.48
C GLY C 142 -24.45 12.86 -0.28
N GLU C 143 -25.05 13.68 -1.14
CA GLU C 143 -24.28 14.66 -1.91
C GLU C 143 -23.65 15.71 -1.00
N PHE C 144 -24.41 16.22 -0.04
CA PHE C 144 -23.88 17.22 0.88
C PHE C 144 -22.75 16.63 1.73
N ALA C 145 -22.91 15.38 2.18
CA ALA C 145 -21.84 14.73 2.94
C ALA C 145 -20.57 14.63 2.11
N ARG C 146 -20.69 14.21 0.85
CA ARG C 146 -19.52 14.06 0.00
C ARG C 146 -18.81 15.40 -0.22
N ILE C 147 -19.59 16.47 -0.47
CA ILE C 147 -19.03 17.82 -0.63
C ILE C 147 -18.22 18.22 0.61
N CYS C 148 -18.83 18.08 1.80
CA CYS C 148 -18.14 18.46 3.04
C CYS C 148 -16.89 17.63 3.28
N ARG C 149 -16.95 16.33 2.96
CA ARG C 149 -15.77 15.48 3.10
CA ARG C 149 -15.78 15.47 3.10
C ARG C 149 -14.67 15.90 2.14
N ASP C 150 -15.00 16.05 0.86
CA ASP C 150 -13.99 16.41 -0.14
C ASP C 150 -13.36 17.77 0.17
N LEU C 151 -14.18 18.79 0.43
CA LEU C 151 -13.63 20.12 0.67
C LEU C 151 -12.78 20.16 1.94
N SER C 152 -13.05 19.30 2.92
CA SER C 152 -12.21 19.28 4.12
C SER C 152 -10.80 18.77 3.84
N HIS C 153 -10.55 18.19 2.67
CA HIS C 153 -9.18 17.88 2.30
C HIS C 153 -8.51 19.04 1.56
N ILE C 154 -9.24 20.10 1.27
CA ILE C 154 -8.67 21.31 0.68
C ILE C 154 -8.37 22.35 1.74
N GLY C 155 -9.35 22.67 2.59
CA GLY C 155 -9.16 23.62 3.67
C GLY C 155 -10.04 23.24 4.84
N ASP C 156 -10.04 24.07 5.88
CA ASP C 156 -10.88 23.75 7.03
C ASP C 156 -12.11 24.62 7.14
N ALA C 157 -12.32 25.56 6.22
CA ALA C 157 -13.53 26.38 6.18
C ALA C 157 -14.15 26.28 4.79
N VAL C 158 -15.48 26.36 4.73
CA VAL C 158 -16.19 26.37 3.45
C VAL C 158 -17.02 27.64 3.35
N VAL C 159 -16.92 28.31 2.20
CA VAL C 159 -17.79 29.45 1.89
C VAL C 159 -18.99 28.92 1.09
N ILE C 160 -20.18 29.15 1.63
CA ILE C 160 -21.42 28.75 0.98
C ILE C 160 -22.06 30.00 0.40
N SER C 161 -22.11 30.09 -0.92
CA SER C 161 -22.74 31.18 -1.65
C SER C 161 -24.00 30.64 -2.29
N CYS C 162 -25.14 31.20 -1.90
CA CYS C 162 -26.42 30.74 -2.42
C CYS C 162 -27.03 31.84 -3.26
N ALA C 163 -27.51 31.47 -4.45
CA ALA C 163 -28.19 32.36 -5.37
C ALA C 163 -29.51 31.71 -5.78
N LYS C 164 -30.26 32.41 -6.64
CA LYS C 164 -31.57 31.92 -7.06
C LYS C 164 -31.44 30.63 -7.87
N ASP C 165 -30.40 30.52 -8.69
CA ASP C 165 -30.29 29.43 -9.66
C ASP C 165 -29.31 28.33 -9.23
N GLY C 166 -28.56 28.52 -8.14
CA GLY C 166 -27.65 27.48 -7.72
C GLY C 166 -26.89 27.87 -6.46
N VAL C 167 -26.23 26.87 -5.90
CA VAL C 167 -25.45 27.05 -4.69
C VAL C 167 -24.03 26.59 -4.97
N LYS C 168 -23.06 27.34 -4.47
CA LYS C 168 -21.65 27.05 -4.62
C LYS C 168 -21.02 26.82 -3.24
N PHE C 169 -20.08 25.87 -3.16
CA PHE C 169 -19.27 25.60 -1.97
C PHE C 169 -17.79 25.75 -2.34
N SER C 170 -17.06 26.55 -1.57
CA SER C 170 -15.68 26.88 -1.89
C SER C 170 -14.79 26.72 -0.66
N ALA C 171 -13.56 26.27 -0.88
CA ALA C 171 -12.57 26.16 0.19
C ALA C 171 -11.18 26.38 -0.41
N SER C 172 -10.23 26.76 0.46
CA SER C 172 -8.85 26.96 0.02
C SER C 172 -7.89 26.67 1.15
N GLY C 173 -6.70 26.22 0.79
CA GLY C 173 -5.66 25.91 1.75
C GLY C 173 -4.35 25.77 1.04
N GLU C 174 -3.45 25.01 1.65
CA GLU C 174 -2.09 24.93 1.11
C GLU C 174 -2.05 24.23 -0.24
N LEU C 175 -2.86 23.18 -0.43
CA LEU C 175 -2.89 22.47 -1.71
C LEU C 175 -3.26 23.41 -2.86
N GLY C 176 -4.11 24.39 -2.60
CA GLY C 176 -4.78 25.14 -3.64
C GLY C 176 -6.21 25.39 -3.22
N ASN C 177 -7.13 25.52 -4.19
CA ASN C 177 -8.49 25.79 -3.80
C ASN C 177 -9.46 25.02 -4.70
N GLY C 178 -10.72 25.07 -4.33
CA GLY C 178 -11.72 24.28 -5.02
C GLY C 178 -13.09 24.87 -4.82
N ASN C 179 -13.93 24.72 -5.85
CA ASN C 179 -15.29 25.22 -5.83
C ASN C 179 -16.24 24.21 -6.47
N ILE C 180 -17.33 23.94 -5.77
CA ILE C 180 -18.32 22.95 -6.21
C ILE C 180 -19.61 23.69 -6.47
N LYS C 181 -20.12 23.61 -7.69
CA LYS C 181 -21.34 24.29 -8.10
C LYS C 181 -22.46 23.28 -8.30
N LEU C 182 -23.57 23.50 -7.60
CA LEU C 182 -24.79 22.70 -7.71
C LEU C 182 -25.86 23.52 -8.39
N SER C 183 -26.50 22.97 -9.40
CA SER C 183 -27.59 23.64 -10.08
C SER C 183 -28.93 23.11 -9.57
N GLN C 184 -29.91 24.01 -9.51
CA GLN C 184 -31.28 23.57 -9.25
C GLN C 184 -31.72 22.60 -10.34
N THR C 185 -32.39 21.51 -9.95
CA THR C 185 -32.73 20.48 -10.95
C THR C 185 -34.14 20.68 -11.51
N GLU C 193 -33.33 12.92 -6.61
CA GLU C 193 -32.09 13.60 -6.25
C GLU C 193 -32.16 15.07 -6.63
N ALA C 194 -33.28 15.66 -6.27
CA ALA C 194 -33.54 17.04 -6.59
C ALA C 194 -32.66 17.97 -5.77
N VAL C 195 -32.24 19.06 -6.38
CA VAL C 195 -31.71 20.22 -5.67
C VAL C 195 -32.69 21.36 -5.95
N THR C 196 -33.27 21.91 -4.90
CA THR C 196 -34.20 23.04 -5.02
C THR C 196 -33.76 24.14 -4.07
N ILE C 197 -34.02 25.37 -4.48
CA ILE C 197 -33.56 26.54 -3.75
C ILE C 197 -34.74 27.51 -3.64
N GLU C 198 -35.11 27.85 -2.40
CA GLU C 198 -36.10 28.89 -2.11
C GLU C 198 -35.33 30.07 -1.54
N MET C 199 -35.20 31.13 -2.34
CA MET C 199 -34.31 32.25 -2.07
C MET C 199 -35.08 33.57 -2.10
N ASN C 200 -35.09 34.28 -0.98
CA ASN C 200 -35.56 35.67 -0.94
C ASN C 200 -34.46 36.66 -1.31
N GLU C 201 -33.24 36.30 -0.97
CA GLU C 201 -32.07 37.10 -1.19
C GLU C 201 -30.82 36.26 -1.22
N PRO C 202 -29.78 36.69 -1.89
CA PRO C 202 -28.53 35.91 -1.90
C PRO C 202 -27.82 35.99 -0.55
N VAL C 203 -27.03 34.95 -0.26
CA VAL C 203 -26.24 34.88 0.96
C VAL C 203 -24.83 34.38 0.62
N GLN C 204 -23.87 34.76 1.46
CA GLN C 204 -22.49 34.28 1.35
C GLN C 204 -21.93 34.17 2.75
N LEU C 205 -21.74 32.95 3.25
CA LEU C 205 -21.36 32.64 4.62
C LEU C 205 -20.20 31.66 4.65
N THR C 206 -19.37 31.73 5.69
CA THR C 206 -18.25 30.83 5.90
C THR C 206 -18.47 29.99 7.16
N PHE C 207 -18.15 28.70 7.06
CA PHE C 207 -18.43 27.75 8.14
C PHE C 207 -17.24 26.81 8.32
N ALA C 208 -17.05 26.37 9.56
CA ALA C 208 -15.99 25.40 9.87
C ALA C 208 -16.39 24.01 9.37
N LEU C 209 -15.57 23.45 8.49
CA LEU C 209 -15.89 22.15 7.89
C LEU C 209 -15.86 21.02 8.92
N ARG C 210 -15.06 21.16 9.99
CA ARG C 210 -14.95 20.06 10.94
C ARG C 210 -16.28 19.80 11.64
N TYR C 211 -17.11 20.84 11.84
CA TYR C 211 -18.42 20.65 12.44
C TYR C 211 -19.44 20.10 11.44
N LEU C 212 -19.41 20.60 10.21
CA LEU C 212 -20.29 20.04 9.18
C LEU C 212 -20.07 18.54 9.05
N ASN C 213 -18.81 18.08 9.13
CA ASN C 213 -18.56 16.66 9.03
C ASN C 213 -19.04 15.88 10.25
N PHE C 214 -19.24 16.54 11.40
CA PHE C 214 -19.98 15.88 12.46
C PHE C 214 -21.45 15.77 12.12
N PHE C 215 -22.02 16.84 11.56
CA PHE C 215 -23.46 16.84 11.27
C PHE C 215 -23.83 15.72 10.30
N THR C 216 -22.96 15.43 9.33
CA THR C 216 -23.34 14.48 8.30
C THR C 216 -23.31 13.04 8.77
N LYS C 217 -22.92 12.78 10.03
CA LYS C 217 -23.18 11.48 10.62
C LYS C 217 -24.66 11.18 10.76
N ALA C 218 -25.54 12.18 10.57
CA ALA C 218 -26.99 11.97 10.52
C ALA C 218 -27.49 11.54 9.15
N THR C 219 -26.62 11.51 8.15
CA THR C 219 -27.04 11.16 6.79
C THR C 219 -27.91 9.91 6.69
N PRO C 220 -27.65 8.80 7.40
CA PRO C 220 -28.53 7.62 7.28
C PRO C 220 -29.98 7.87 7.68
N LEU C 221 -30.30 8.98 8.36
CA LEU C 221 -31.68 9.18 8.80
C LEU C 221 -32.57 9.68 7.68
N SER C 222 -32.01 10.21 6.61
CA SER C 222 -32.87 10.82 5.59
C SER C 222 -32.10 10.90 4.28
N SER C 223 -32.82 10.66 3.19
CA SER C 223 -32.18 10.82 1.89
C SER C 223 -32.05 12.29 1.50
N THR C 224 -32.67 13.19 2.25
CA THR C 224 -32.60 14.61 1.94
C THR C 224 -32.09 15.38 3.14
N VAL C 225 -31.46 16.52 2.87
CA VAL C 225 -31.04 17.45 3.91
C VAL C 225 -31.42 18.84 3.44
N THR C 226 -31.70 19.72 4.41
CA THR C 226 -32.06 21.10 4.15
C THR C 226 -31.06 22.02 4.85
N LEU C 227 -30.54 22.99 4.11
CA LEU C 227 -29.67 24.02 4.68
C LEU C 227 -30.42 25.35 4.66
N SER C 228 -30.48 26.04 5.81
CA SER C 228 -31.17 27.30 5.93
C SER C 228 -30.18 28.37 6.40
N MET C 229 -30.10 29.47 5.65
CA MET C 229 -29.08 30.48 5.85
C MET C 229 -29.65 31.89 5.75
N SER C 230 -29.13 32.78 6.60
CA SER C 230 -29.31 34.22 6.48
C SER C 230 -28.04 34.87 6.99
N ALA C 231 -27.86 36.14 6.63
CA ALA C 231 -26.65 36.85 7.01
C ALA C 231 -26.48 36.88 8.52
N ASP C 232 -25.28 36.68 8.98
CA ASP C 232 -25.04 36.86 10.39
C ASP C 232 -25.71 35.94 11.36
N VAL C 233 -26.40 34.91 10.92
CA VAL C 233 -27.09 34.03 11.88
C VAL C 233 -26.62 32.61 11.65
N PRO C 234 -26.81 31.72 12.63
CA PRO C 234 -26.30 30.36 12.46
C PRO C 234 -26.96 29.66 11.27
N LEU C 235 -26.16 28.84 10.57
CA LEU C 235 -26.71 27.92 9.59
C LEU C 235 -27.53 26.85 10.31
N VAL C 236 -28.65 26.45 9.71
CA VAL C 236 -29.42 25.29 10.16
C VAL C 236 -29.24 24.17 9.14
N VAL C 237 -28.82 23.00 9.61
CA VAL C 237 -28.71 21.78 8.82
C VAL C 237 -29.69 20.78 9.41
N GLU C 238 -30.74 20.44 8.67
CA GLU C 238 -31.85 19.68 9.20
C GLU C 238 -32.06 18.36 8.46
N TYR C 239 -32.16 17.26 9.20
CA TYR C 239 -32.52 15.95 8.67
C TYR C 239 -33.86 15.55 9.25
N LYS C 240 -34.82 15.25 8.36
CA LYS C 240 -36.13 14.80 8.77
C LYS C 240 -36.07 13.34 9.19
N ILE C 241 -36.75 13.02 10.27
CA ILE C 241 -36.88 11.64 10.73
C ILE C 241 -38.32 11.25 10.45
N ALA C 242 -38.52 10.49 9.36
CA ALA C 242 -39.81 10.41 8.69
C ALA C 242 -40.88 9.93 9.64
N ASP C 243 -42.02 10.64 9.62
CA ASP C 243 -43.21 10.31 10.42
C ASP C 243 -42.95 10.47 11.91
N MET C 244 -42.10 11.41 12.31
CA MET C 244 -41.64 11.37 13.68
C MET C 244 -41.09 12.69 14.19
N GLY C 245 -40.30 13.39 13.38
CA GLY C 245 -39.61 14.58 13.85
C GLY C 245 -38.38 14.92 13.04
N HIS C 246 -37.32 15.38 13.69
CA HIS C 246 -36.16 15.83 12.96
C HIS C 246 -34.94 15.89 13.86
N LEU C 247 -33.79 16.00 13.20
CA LEU C 247 -32.53 16.33 13.84
C LEU C 247 -32.01 17.58 13.14
N LYS C 248 -31.85 18.66 13.91
CA LYS C 248 -31.38 19.95 13.40
C LYS C 248 -30.04 20.29 14.04
N TYR C 249 -29.11 20.77 13.23
CA TYR C 249 -27.82 21.23 13.71
C TYR C 249 -27.67 22.70 13.38
N TYR C 250 -27.17 23.46 14.34
CA TYR C 250 -26.93 24.89 14.20
C TYR C 250 -25.43 25.14 14.23
N LEU C 251 -24.94 25.96 13.31
CA LEU C 251 -23.51 26.26 13.24
C LEU C 251 -23.34 27.77 13.10
N ALA C 252 -22.59 28.34 14.02
CA ALA C 252 -22.32 29.77 13.98
C ALA C 252 -21.34 30.10 12.86
N PRO C 253 -21.61 31.12 12.06
CA PRO C 253 -20.67 31.46 10.97
C PRO C 253 -19.36 32.04 11.50
N LYS C 254 -18.39 32.11 10.60
CA LYS C 254 -17.09 32.68 10.90
C LYS C 254 -17.11 34.17 10.58
N ILE C 255 -16.37 34.93 11.39
CA ILE C 255 -16.34 36.40 11.35
C ILE C 255 -17.75 36.97 11.44
N MET D 1 7.22 -40.57 7.13
CA MET D 1 6.48 -39.88 6.09
C MET D 1 4.99 -39.81 6.44
N PHE D 2 4.46 -38.60 6.32
CA PHE D 2 3.06 -38.30 6.56
C PHE D 2 2.58 -37.46 5.40
N GLU D 3 1.37 -37.73 4.94
CA GLU D 3 0.80 -36.95 3.85
C GLU D 3 -0.71 -36.97 3.95
N ALA D 4 -1.32 -35.78 3.92
CA ALA D 4 -2.77 -35.68 3.97
C ALA D 4 -3.24 -34.64 2.95
N ARG D 5 -4.16 -35.05 2.10
CA ARG D 5 -4.74 -34.19 1.07
C ARG D 5 -6.14 -33.82 1.48
N LEU D 6 -6.44 -32.52 1.49
CA LEU D 6 -7.76 -32.03 1.87
C LEU D 6 -8.30 -31.16 0.72
N VAL D 7 -9.34 -31.64 0.05
CA VAL D 7 -9.88 -30.90 -1.08
C VAL D 7 -10.50 -29.58 -0.61
N GLN D 8 -11.28 -29.62 0.48
CA GLN D 8 -11.85 -28.39 1.05
C GLN D 8 -10.81 -27.73 1.95
N GLY D 9 -9.78 -27.17 1.30
CA GLY D 9 -8.65 -26.58 2.00
C GLY D 9 -9.03 -25.45 2.93
N SER D 10 -10.18 -24.80 2.67
CA SER D 10 -10.63 -23.71 3.51
C SER D 10 -10.86 -24.15 4.96
N ILE D 11 -11.11 -25.44 5.18
CA ILE D 11 -11.21 -25.96 6.54
C ILE D 11 -9.93 -25.66 7.31
N LEU D 12 -8.78 -25.95 6.69
CA LEU D 12 -7.49 -25.68 7.34
C LEU D 12 -7.25 -24.19 7.55
N LYS D 13 -7.58 -23.36 6.56
CA LYS D 13 -7.47 -21.90 6.73
C LYS D 13 -8.29 -21.42 7.92
N LYS D 14 -9.52 -21.90 8.04
CA LYS D 14 -10.38 -21.48 9.15
C LYS D 14 -9.88 -22.01 10.49
N VAL D 15 -9.36 -23.24 10.53
CA VAL D 15 -8.87 -23.80 11.79
C VAL D 15 -7.73 -22.94 12.34
N LEU D 16 -6.76 -22.60 11.49
CA LEU D 16 -5.63 -21.81 11.98
C LEU D 16 -6.07 -20.41 12.39
N GLU D 17 -7.00 -19.81 11.65
CA GLU D 17 -7.55 -18.52 12.07
C GLU D 17 -8.23 -18.64 13.44
N ALA D 18 -8.86 -19.77 13.72
CA ALA D 18 -9.51 -19.99 15.01
C ALA D 18 -8.53 -20.37 16.12
N LEU D 19 -7.27 -20.60 15.80
CA LEU D 19 -6.29 -21.03 16.78
C LEU D 19 -5.28 -19.93 17.09
N LYS D 20 -4.80 -19.25 16.05
CA LYS D 20 -3.60 -18.42 16.14
C LYS D 20 -3.71 -17.31 17.18
N ASP D 21 -4.93 -16.85 17.49
CA ASP D 21 -5.02 -15.77 18.46
C ASP D 21 -5.07 -16.27 19.89
N LEU D 22 -5.52 -17.50 20.10
CA LEU D 22 -5.51 -18.09 21.43
C LEU D 22 -4.16 -18.72 21.78
N ILE D 23 -3.44 -19.27 20.79
CA ILE D 23 -2.27 -20.12 21.04
C ILE D 23 -1.11 -19.73 20.12
N ASN D 24 0.08 -19.60 20.70
CA ASN D 24 1.30 -19.31 19.93
C ASN D 24 1.81 -20.54 19.20
N GLU D 25 2.01 -21.61 19.94
CA GLU D 25 2.65 -22.81 19.43
C GLU D 25 1.90 -24.00 19.97
N ALA D 26 1.89 -25.08 19.20
CA ALA D 26 1.18 -26.25 19.64
C ALA D 26 1.76 -27.42 18.90
N CYS D 27 1.46 -28.62 19.42
CA CYS D 27 1.94 -29.87 18.87
C CYS D 27 0.82 -30.55 18.13
N TRP D 28 1.04 -30.84 16.85
CA TRP D 28 0.09 -31.58 16.05
C TRP D 28 0.44 -33.06 16.18
N ASP D 29 -0.44 -33.83 16.82
CA ASP D 29 -0.13 -35.24 16.95
C ASP D 29 -0.83 -36.00 15.83
N ILE D 30 0.03 -36.52 14.95
CA ILE D 30 -0.39 -37.24 13.76
C ILE D 30 -0.32 -38.74 14.03
N SER D 31 -1.40 -39.43 13.72
CA SER D 31 -1.48 -40.87 13.84
C SER D 31 -2.36 -41.36 12.71
N SER D 32 -2.42 -42.68 12.54
CA SER D 32 -3.23 -43.21 11.45
C SER D 32 -4.72 -42.94 11.67
N SER D 33 -5.13 -42.53 12.87
CA SER D 33 -6.54 -42.22 13.10
C SER D 33 -6.90 -40.78 12.68
N GLY D 34 -5.92 -39.90 12.61
CA GLY D 34 -6.17 -38.55 12.16
C GLY D 34 -5.18 -37.60 12.80
N VAL D 35 -5.57 -36.32 12.80
CA VAL D 35 -4.79 -35.23 13.37
C VAL D 35 -5.48 -34.79 14.66
N ASN D 36 -4.71 -34.73 15.74
CA ASN D 36 -5.22 -34.17 16.97
C ASN D 36 -4.26 -33.11 17.47
N LEU D 37 -4.82 -32.03 17.98
CA LEU D 37 -4.09 -30.95 18.60
C LEU D 37 -4.76 -30.64 19.93
N GLN D 38 -3.94 -30.40 20.95
CA GLN D 38 -4.45 -30.11 22.29
C GLN D 38 -3.49 -29.16 22.97
N SER D 39 -3.97 -28.00 23.41
CA SER D 39 -3.05 -27.02 23.98
C SER D 39 -3.79 -26.05 24.89
N MET D 40 -3.17 -25.73 26.02
CA MET D 40 -3.66 -24.68 26.89
C MET D 40 -3.09 -23.35 26.44
N ASP D 41 -3.86 -22.28 26.62
CA ASP D 41 -3.28 -20.96 26.44
C ASP D 41 -2.29 -20.67 27.58
N SER D 42 -1.51 -19.60 27.40
CA SER D 42 -0.37 -19.37 28.30
C SER D 42 -0.83 -19.10 29.73
N SER D 43 -1.96 -18.40 29.90
CA SER D 43 -2.49 -18.14 31.23
C SER D 43 -3.14 -19.36 31.86
N HIS D 44 -3.27 -20.43 31.08
CA HIS D 44 -3.86 -21.66 31.57
C HIS D 44 -5.32 -21.54 31.92
N VAL D 45 -5.98 -20.50 31.44
CA VAL D 45 -7.41 -20.33 31.69
C VAL D 45 -8.24 -21.16 30.70
N SER D 46 -7.74 -21.39 29.50
CA SER D 46 -8.52 -22.10 28.49
C SER D 46 -7.66 -23.14 27.79
N LEU D 47 -8.34 -24.08 27.16
CA LEU D 47 -7.69 -25.14 26.41
C LEU D 47 -8.48 -25.33 25.12
N VAL D 48 -7.77 -25.61 24.04
CA VAL D 48 -8.42 -25.93 22.77
C VAL D 48 -8.03 -27.34 22.35
N GLN D 49 -9.01 -28.08 21.82
CA GLN D 49 -8.76 -29.42 21.33
C GLN D 49 -9.31 -29.55 19.92
N LEU D 50 -8.45 -29.90 18.98
CA LEU D 50 -8.83 -30.07 17.59
C LEU D 50 -8.74 -31.55 17.19
N THR D 51 -9.78 -32.03 16.50
CA THR D 51 -9.82 -33.39 15.98
C THR D 51 -10.15 -33.34 14.49
N LEU D 52 -9.25 -33.91 13.67
CA LEU D 52 -9.49 -34.07 12.23
C LEU D 52 -9.27 -35.55 11.90
N ARG D 53 -10.36 -36.29 11.69
CA ARG D 53 -10.24 -37.73 11.49
C ARG D 53 -9.66 -38.05 10.11
N SER D 54 -8.81 -39.09 10.09
CA SER D 54 -8.16 -39.51 8.85
C SER D 54 -9.15 -39.68 7.71
N GLU D 55 -10.34 -40.23 8.00
CA GLU D 55 -11.31 -40.49 6.93
C GLU D 55 -11.96 -39.22 6.42
N GLY D 56 -11.80 -38.09 7.12
CA GLY D 56 -12.28 -36.82 6.60
C GLY D 56 -11.41 -36.25 5.51
N PHE D 57 -10.19 -36.76 5.36
CA PHE D 57 -9.29 -36.31 4.31
C PHE D 57 -9.50 -37.10 3.03
N ASP D 58 -9.12 -36.49 1.90
CA ASP D 58 -9.34 -37.14 0.62
C ASP D 58 -8.30 -38.22 0.37
N THR D 59 -7.06 -37.99 0.79
CA THR D 59 -6.09 -39.05 1.00
C THR D 59 -5.39 -38.80 2.32
N TYR D 60 -4.97 -39.87 2.95
CA TYR D 60 -4.38 -39.79 4.28
C TYR D 60 -3.43 -40.96 4.46
N ARG D 61 -2.18 -40.66 4.78
CA ARG D 61 -1.21 -41.69 5.09
C ARG D 61 -0.35 -41.26 6.25
N CYS D 62 -0.25 -42.11 7.27
CA CYS D 62 0.69 -41.95 8.37
C CYS D 62 1.52 -43.23 8.48
N ASP D 63 2.77 -43.18 8.02
CA ASP D 63 3.64 -44.34 8.15
C ASP D 63 4.00 -44.62 9.60
N ARG D 64 4.07 -43.57 10.42
CA ARG D 64 4.47 -43.66 11.82
C ARG D 64 3.99 -42.42 12.56
N ASN D 65 3.62 -42.59 13.84
CA ASN D 65 3.09 -41.49 14.62
C ASN D 65 4.11 -40.36 14.79
N LEU D 66 3.62 -39.13 14.69
CA LEU D 66 4.53 -38.00 14.89
C LEU D 66 3.84 -36.92 15.71
N ALA D 67 4.71 -36.07 16.25
CA ALA D 67 4.29 -34.96 17.10
C ALA D 67 5.03 -33.71 16.61
N MET D 68 4.45 -33.02 15.62
CA MET D 68 5.11 -31.86 15.02
C MET D 68 4.87 -30.61 15.86
N GLY D 69 5.94 -29.90 16.17
CA GLY D 69 5.83 -28.65 16.90
C GLY D 69 5.76 -27.48 15.94
N VAL D 70 4.67 -26.71 16.02
CA VAL D 70 4.38 -25.69 15.02
C VAL D 70 4.16 -24.36 15.71
N ASN D 71 4.82 -23.34 15.19
CA ASN D 71 4.45 -21.96 15.46
C ASN D 71 3.17 -21.65 14.68
N LEU D 72 2.05 -21.46 15.39
CA LEU D 72 0.75 -21.32 14.72
C LEU D 72 0.63 -20.00 13.98
N THR D 73 1.30 -18.95 14.48
CA THR D 73 1.39 -17.69 13.74
C THR D 73 2.07 -17.90 12.39
N SER D 74 3.16 -18.67 12.37
CA SER D 74 3.84 -18.93 11.10
C SER D 74 2.97 -19.75 10.18
N MET D 75 2.31 -20.78 10.70
CA MET D 75 1.45 -21.59 9.85
C MET D 75 0.25 -20.79 9.36
N SER D 76 -0.27 -19.90 10.21
CA SER D 76 -1.38 -19.04 9.81
C SER D 76 -0.98 -18.14 8.65
N LYS D 77 0.24 -17.59 8.71
CA LYS D 77 0.74 -16.74 7.63
C LYS D 77 0.87 -17.51 6.33
N ILE D 78 1.36 -18.75 6.40
CA ILE D 78 1.47 -19.55 5.19
C ILE D 78 0.09 -19.85 4.63
N LEU D 79 -0.85 -20.26 5.50
CA LEU D 79 -2.18 -20.62 5.00
C LEU D 79 -2.91 -19.43 4.40
N LYS D 80 -2.58 -18.19 4.80
CA LYS D 80 -3.15 -17.03 4.11
C LYS D 80 -2.72 -16.98 2.67
N CYS D 81 -1.64 -17.67 2.30
CA CYS D 81 -1.23 -17.75 0.90
C CYS D 81 -1.99 -18.80 0.10
N ALA D 82 -2.96 -19.47 0.70
CA ALA D 82 -3.84 -20.40 0.00
C ALA D 82 -5.14 -19.69 -0.36
N GLY D 83 -5.63 -19.91 -1.58
CA GLY D 83 -6.96 -19.45 -1.92
C GLY D 83 -8.03 -20.29 -1.25
N ASN D 84 -9.23 -19.72 -1.13
CA ASN D 84 -10.31 -20.38 -0.39
C ASN D 84 -10.86 -21.62 -1.06
N GLU D 85 -10.62 -21.80 -2.36
CA GLU D 85 -11.03 -23.06 -2.99
C GLU D 85 -9.82 -23.92 -3.36
N ASP D 86 -8.67 -23.66 -2.76
CA ASP D 86 -7.49 -24.46 -3.06
C ASP D 86 -7.63 -25.85 -2.44
N ILE D 87 -6.98 -26.80 -3.09
CA ILE D 87 -6.72 -28.10 -2.50
C ILE D 87 -5.42 -27.97 -1.72
N ILE D 88 -5.43 -28.42 -0.46
CA ILE D 88 -4.26 -28.27 0.41
C ILE D 88 -3.78 -29.66 0.83
N THR D 89 -2.51 -29.93 0.54
CA THR D 89 -1.84 -31.15 0.97
C THR D 89 -0.80 -30.80 2.02
N LEU D 90 -0.81 -31.51 3.14
CA LEU D 90 0.23 -31.44 4.16
C LEU D 90 1.15 -32.64 4.05
N ARG D 91 2.45 -32.42 4.25
CA ARG D 91 3.43 -33.49 4.05
C ARG D 91 4.62 -33.29 4.98
N ALA D 92 4.99 -34.34 5.72
CA ALA D 92 6.15 -34.31 6.61
C ALA D 92 7.04 -35.52 6.36
N GLU D 93 8.33 -35.27 6.26
CA GLU D 93 9.35 -36.30 6.06
C GLU D 93 9.72 -36.95 7.40
N ASP D 94 10.45 -38.05 7.34
CA ASP D 94 10.84 -38.76 8.55
C ASP D 94 11.59 -37.90 9.56
N ASN D 95 12.59 -37.16 9.10
CA ASN D 95 13.28 -36.24 9.98
C ASN D 95 12.33 -35.46 10.83
N ALA D 96 11.37 -34.82 10.16
CA ALA D 96 10.47 -33.85 10.76
C ALA D 96 11.24 -32.64 11.17
N ASP D 97 12.00 -32.10 10.24
CA ASP D 97 12.58 -30.79 10.37
C ASP D 97 11.53 -29.78 9.94
N THR D 98 10.77 -30.10 8.89
CA THR D 98 9.86 -29.11 8.33
C THR D 98 8.56 -29.70 7.81
N LEU D 99 7.52 -28.89 7.82
CA LEU D 99 6.23 -29.28 7.28
C LEU D 99 6.08 -28.67 5.90
N ALA D 100 5.75 -29.50 4.92
CA ALA D 100 5.49 -29.01 3.58
C ALA D 100 3.99 -28.79 3.42
N LEU D 101 3.63 -27.68 2.77
CA LEU D 101 2.24 -27.36 2.48
C LEU D 101 2.15 -27.02 1.00
N VAL D 102 1.28 -27.72 0.28
CA VAL D 102 1.11 -27.57 -1.16
C VAL D 102 -0.30 -27.08 -1.40
N PHE D 103 -0.44 -25.96 -2.11
CA PHE D 103 -1.73 -25.39 -2.47
C PHE D 103 -1.94 -25.47 -3.97
N GLU D 104 -3.09 -25.99 -4.41
CA GLU D 104 -3.40 -26.01 -5.84
C GLU D 104 -4.90 -25.86 -6.07
N ALA D 105 -5.27 -25.39 -7.28
CA ALA D 105 -6.69 -25.44 -7.67
C ALA D 105 -6.95 -26.59 -8.64
N PRO D 106 -8.22 -26.97 -8.86
CA PRO D 106 -8.50 -27.97 -9.89
C PRO D 106 -7.97 -27.60 -11.28
N ASN D 107 -7.92 -26.31 -11.59
CA ASN D 107 -7.33 -25.63 -12.73
C ASN D 107 -5.91 -26.14 -12.92
N GLN D 108 -5.23 -25.82 -11.82
CA GLN D 108 -3.82 -26.15 -11.64
C GLN D 108 -2.87 -25.16 -12.31
N GLU D 109 -3.38 -24.03 -12.76
CA GLU D 109 -2.47 -23.07 -13.36
C GLU D 109 -1.43 -22.62 -12.34
N LYS D 110 -1.82 -22.54 -11.10
CA LYS D 110 -0.99 -22.03 -10.02
C LYS D 110 -0.82 -23.14 -8.96
N VAL D 111 0.41 -23.57 -8.74
CA VAL D 111 0.72 -24.52 -7.68
C VAL D 111 1.74 -23.87 -6.77
N SER D 112 1.46 -23.88 -5.47
CA SER D 112 2.30 -23.24 -4.47
C SER D 112 2.82 -24.29 -3.50
N ASP D 113 4.12 -24.23 -3.22
CA ASP D 113 4.88 -25.14 -2.38
C ASP D 113 5.49 -24.41 -1.20
N TYR D 114 5.02 -24.53 0.05
CA TYR D 114 5.64 -23.85 1.18
C TYR D 114 6.26 -24.89 2.08
N GLU D 115 7.45 -24.58 2.60
CA GLU D 115 8.13 -25.42 3.58
C GLU D 115 8.33 -24.57 4.82
N MET D 116 7.82 -25.06 5.94
CA MET D 116 7.76 -24.34 7.19
C MET D 116 8.61 -25.06 8.23
N LYS D 117 9.49 -24.32 8.89
CA LYS D 117 10.31 -24.93 9.94
C LYS D 117 9.45 -25.31 11.16
N LEU D 118 9.66 -26.52 11.67
CA LEU D 118 9.04 -26.94 12.91
C LEU D 118 9.86 -26.44 14.11
N MET D 119 9.40 -26.81 15.32
CA MET D 119 10.06 -26.44 16.58
C MET D 119 10.07 -27.65 17.49
N ASP D 120 10.89 -27.57 18.55
CA ASP D 120 10.80 -28.53 19.66
C ASP D 120 9.92 -27.92 20.74
N LEU D 121 8.92 -28.69 21.17
CA LEU D 121 8.12 -28.25 22.31
C LEU D 121 8.03 -29.42 23.27
N ASP D 122 7.70 -29.08 24.52
CA ASP D 122 7.49 -30.10 25.55
C ASP D 122 6.11 -30.63 25.25
N VAL D 123 6.01 -31.77 24.57
CA VAL D 123 4.68 -32.26 24.17
C VAL D 123 4.23 -32.89 25.47
N GLU D 124 3.48 -32.09 26.23
CA GLU D 124 2.79 -32.49 27.46
C GLU D 124 1.37 -32.81 27.03
N GLN D 125 0.94 -34.04 27.23
CA GLN D 125 -0.44 -34.29 26.84
C GLN D 125 -1.30 -34.54 28.07
N LEU D 126 -2.51 -34.02 27.94
CA LEU D 126 -3.60 -34.09 28.91
C LEU D 126 -4.72 -34.95 28.31
N GLY D 127 -5.81 -35.08 29.05
CA GLY D 127 -6.99 -35.73 28.53
C GLY D 127 -8.22 -35.15 29.17
N ILE D 128 -9.36 -35.39 28.55
CA ILE D 128 -10.65 -34.94 29.05
C ILE D 128 -11.53 -36.19 29.25
N PRO D 129 -12.07 -36.41 30.44
CA PRO D 129 -13.07 -37.48 30.59
C PRO D 129 -14.35 -37.11 29.86
N GLU D 130 -14.85 -38.00 29.02
CA GLU D 130 -16.14 -37.75 28.41
C GLU D 130 -17.22 -37.79 29.48
N GLN D 131 -17.87 -36.65 29.66
CA GLN D 131 -18.89 -36.47 30.67
C GLN D 131 -20.25 -36.29 30.00
N GLU D 132 -21.30 -36.40 30.80
CA GLU D 132 -22.52 -35.69 30.47
C GLU D 132 -22.59 -34.44 31.34
N TYR D 133 -23.26 -33.43 30.80
CA TYR D 133 -23.30 -32.13 31.43
C TYR D 133 -24.72 -31.87 31.92
N SER D 134 -24.84 -31.04 32.95
CA SER D 134 -26.18 -30.65 33.40
C SER D 134 -26.97 -30.02 32.27
N CYS D 135 -26.34 -29.11 31.52
CA CYS D 135 -27.02 -28.35 30.48
C CYS D 135 -26.20 -28.34 29.20
N VAL D 136 -26.85 -28.60 28.08
CA VAL D 136 -26.25 -28.55 26.76
C VAL D 136 -27.13 -27.67 25.88
N VAL D 137 -26.56 -26.60 25.36
CA VAL D 137 -27.28 -25.65 24.52
C VAL D 137 -26.72 -25.73 23.11
N LYS D 138 -27.59 -25.96 22.14
CA LYS D 138 -27.23 -25.89 20.73
C LYS D 138 -27.90 -24.67 20.12
N MET D 139 -27.11 -23.79 19.50
CA MET D 139 -27.65 -22.52 19.04
C MET D 139 -26.84 -22.08 17.83
N PRO D 140 -27.38 -21.15 17.03
CA PRO D 140 -26.60 -20.67 15.87
C PRO D 140 -25.32 -20.00 16.33
N SER D 141 -24.23 -20.31 15.63
CA SER D 141 -22.92 -19.85 16.05
C SER D 141 -22.80 -18.33 15.90
N GLY D 142 -23.45 -17.76 14.88
CA GLY D 142 -23.39 -16.32 14.68
C GLY D 142 -24.11 -15.56 15.77
N GLU D 143 -25.20 -16.12 16.30
CA GLU D 143 -25.90 -15.49 17.41
C GLU D 143 -25.06 -15.52 18.69
N PHE D 144 -24.40 -16.65 18.97
CA PHE D 144 -23.55 -16.72 20.15
C PHE D 144 -22.39 -15.72 20.05
N ALA D 145 -21.79 -15.60 18.86
CA ALA D 145 -20.69 -14.64 18.69
C ALA D 145 -21.18 -13.21 18.92
N ARG D 146 -22.38 -12.89 18.43
CA ARG D 146 -22.90 -11.54 18.61
C ARG D 146 -23.12 -11.24 20.09
N ILE D 147 -23.74 -12.19 20.81
CA ILE D 147 -24.00 -12.03 22.24
C ILE D 147 -22.71 -11.76 23.00
N CYS D 148 -21.66 -12.57 22.76
CA CYS D 148 -20.38 -12.39 23.45
C CYS D 148 -19.74 -11.04 23.11
N ARG D 149 -19.81 -10.64 21.84
CA ARG D 149 -19.27 -9.35 21.43
CA ARG D 149 -19.27 -9.35 21.43
C ARG D 149 -20.02 -8.21 22.12
N ASP D 150 -21.35 -8.24 22.05
CA ASP D 150 -22.15 -7.18 22.67
C ASP D 150 -21.95 -7.08 24.18
N LEU D 151 -22.10 -8.21 24.90
CA LEU D 151 -21.93 -8.16 26.35
C LEU D 151 -20.54 -7.70 26.76
N SER D 152 -19.52 -7.95 25.94
CA SER D 152 -18.18 -7.51 26.30
C SER D 152 -18.02 -5.99 26.25
N HIS D 153 -18.98 -5.25 25.69
CA HIS D 153 -19.00 -3.81 25.84
C HIS D 153 -19.77 -3.37 27.08
N ILE D 154 -20.37 -4.30 27.81
CA ILE D 154 -21.00 -4.00 29.10
C ILE D 154 -20.09 -4.33 30.27
N GLY D 155 -19.47 -5.53 30.24
CA GLY D 155 -18.62 -5.95 31.33
C GLY D 155 -17.58 -6.96 30.89
N ASP D 156 -16.80 -7.43 31.89
CA ASP D 156 -15.70 -8.35 31.67
C ASP D 156 -16.13 -9.80 31.64
N ALA D 157 -17.22 -10.12 32.33
CA ALA D 157 -17.64 -11.49 32.56
C ALA D 157 -19.10 -11.63 32.21
N VAL D 158 -19.50 -12.85 31.84
CA VAL D 158 -20.89 -13.15 31.51
C VAL D 158 -21.38 -14.26 32.44
N VAL D 159 -22.54 -14.05 33.04
CA VAL D 159 -23.22 -15.09 33.79
C VAL D 159 -24.15 -15.81 32.82
N ILE D 160 -23.97 -17.12 32.68
CA ILE D 160 -24.80 -17.95 31.81
C ILE D 160 -25.69 -18.79 32.70
N SER D 161 -26.99 -18.50 32.68
CA SER D 161 -27.98 -19.27 33.42
C SER D 161 -28.77 -20.10 32.43
N CYS D 162 -28.78 -21.41 32.63
CA CYS D 162 -29.47 -22.31 31.72
C CYS D 162 -30.57 -23.03 32.47
N ALA D 163 -31.74 -23.09 31.85
CA ALA D 163 -32.93 -23.72 32.40
C ALA D 163 -33.60 -24.55 31.31
N LYS D 164 -34.69 -25.23 31.69
CA LYS D 164 -35.48 -26.03 30.76
C LYS D 164 -35.97 -25.18 29.58
N ASP D 165 -36.48 -23.99 29.87
CA ASP D 165 -37.23 -23.19 28.91
C ASP D 165 -36.35 -22.31 28.02
N GLY D 166 -35.17 -21.93 28.50
CA GLY D 166 -34.33 -21.00 27.78
C GLY D 166 -33.05 -20.72 28.54
N VAL D 167 -32.17 -19.97 27.87
CA VAL D 167 -30.86 -19.63 28.41
C VAL D 167 -30.70 -18.13 28.40
N LYS D 168 -30.10 -17.61 29.48
CA LYS D 168 -29.89 -16.19 29.69
C LYS D 168 -28.40 -15.88 29.82
N PHE D 169 -27.97 -14.77 29.23
CA PHE D 169 -26.60 -14.27 29.34
C PHE D 169 -26.63 -12.89 29.95
N SER D 170 -25.88 -12.67 31.03
CA SER D 170 -25.90 -11.42 31.76
C SER D 170 -24.48 -10.91 31.99
N ALA D 171 -24.35 -9.58 32.00
CA ALA D 171 -23.10 -8.92 32.32
C ALA D 171 -23.40 -7.57 32.96
N SER D 172 -22.43 -7.03 33.69
CA SER D 172 -22.58 -5.71 34.29
C SER D 172 -21.23 -5.05 34.45
N GLY D 173 -21.24 -3.72 34.41
CA GLY D 173 -20.03 -2.95 34.53
C GLY D 173 -20.37 -1.50 34.78
N GLU D 174 -19.44 -0.61 34.42
CA GLU D 174 -19.59 0.80 34.74
C GLU D 174 -20.83 1.41 34.10
N LEU D 175 -21.07 1.13 32.82
CA LEU D 175 -22.21 1.70 32.11
C LEU D 175 -23.55 1.28 32.69
N GLY D 176 -23.62 0.10 33.25
CA GLY D 176 -24.89 -0.49 33.63
C GLY D 176 -24.81 -2.00 33.45
N ASN D 177 -25.96 -2.61 33.23
CA ASN D 177 -25.98 -4.06 33.07
C ASN D 177 -26.90 -4.44 31.91
N GLY D 178 -26.83 -5.73 31.57
CA GLY D 178 -27.54 -6.22 30.41
C GLY D 178 -27.80 -7.70 30.56
N ASN D 179 -28.94 -8.13 30.03
CA ASN D 179 -29.40 -9.51 30.04
C ASN D 179 -29.97 -9.84 28.68
N ILE D 180 -29.59 -10.99 28.16
CA ILE D 180 -30.07 -11.47 26.88
C ILE D 180 -30.71 -12.82 27.12
N LYS D 181 -31.99 -12.94 26.76
CA LYS D 181 -32.74 -14.17 26.96
C LYS D 181 -33.04 -14.83 25.62
N LEU D 182 -32.68 -16.10 25.49
CA LEU D 182 -32.95 -16.91 24.30
C LEU D 182 -33.94 -17.99 24.66
N SER D 183 -34.97 -18.13 23.85
CA SER D 183 -35.96 -19.17 24.06
C SER D 183 -35.68 -20.36 23.16
N GLN D 184 -36.04 -21.55 23.64
CA GLN D 184 -36.08 -22.72 22.77
C GLN D 184 -37.01 -22.48 21.59
N THR D 185 -36.62 -22.98 20.42
CA THR D 185 -37.44 -22.77 19.22
C THR D 185 -38.27 -24.02 18.89
N SER D 186 -39.34 -23.79 18.12
CA SER D 186 -40.26 -24.83 17.67
C SER D 186 -39.80 -25.49 16.37
N ASN D 187 -39.66 -24.69 15.31
CA ASN D 187 -39.47 -25.12 13.92
C ASN D 187 -40.75 -25.76 13.39
N GLU D 193 -30.95 -22.51 12.56
CA GLU D 193 -31.08 -21.42 13.53
C GLU D 193 -32.06 -21.78 14.65
N ALA D 194 -32.16 -23.07 14.94
CA ALA D 194 -32.86 -23.51 16.12
C ALA D 194 -32.02 -23.23 17.35
N VAL D 195 -32.70 -23.08 18.49
CA VAL D 195 -32.07 -23.08 19.80
C VAL D 195 -32.72 -24.23 20.55
N THR D 196 -31.91 -25.19 20.97
CA THR D 196 -32.41 -26.35 21.69
C THR D 196 -31.62 -26.53 22.98
N ILE D 197 -32.27 -27.08 24.00
CA ILE D 197 -31.68 -27.18 25.32
C ILE D 197 -31.98 -28.58 25.88
N GLU D 198 -30.93 -29.40 26.03
CA GLU D 198 -31.03 -30.69 26.69
C GLU D 198 -30.49 -30.51 28.10
N MET D 199 -31.34 -30.70 29.10
CA MET D 199 -31.16 -30.08 30.41
C MET D 199 -31.60 -31.05 31.51
N ASN D 200 -30.67 -31.51 32.33
CA ASN D 200 -30.98 -32.35 33.47
C ASN D 200 -31.27 -31.59 34.70
N GLU D 201 -30.60 -30.46 34.85
CA GLU D 201 -30.49 -29.69 36.07
C GLU D 201 -30.09 -28.27 35.71
N PRO D 202 -30.64 -27.24 36.36
CA PRO D 202 -30.20 -25.87 36.06
C PRO D 202 -28.75 -25.66 36.44
N VAL D 203 -28.08 -24.78 35.68
CA VAL D 203 -26.77 -24.27 36.06
C VAL D 203 -26.78 -22.76 35.91
N GLN D 204 -25.89 -22.13 36.67
CA GLN D 204 -25.59 -20.71 36.49
C GLN D 204 -24.11 -20.55 36.78
N LEU D 205 -23.34 -20.14 35.76
CA LEU D 205 -21.89 -20.05 35.85
C LEU D 205 -21.42 -18.74 35.26
N THR D 206 -20.23 -18.30 35.69
CA THR D 206 -19.65 -17.03 35.28
C THR D 206 -18.36 -17.30 34.51
N PHE D 207 -18.20 -16.64 33.37
CA PHE D 207 -17.06 -16.87 32.50
C PHE D 207 -16.49 -15.53 32.02
N ALA D 208 -15.19 -15.54 31.72
CA ALA D 208 -14.52 -14.35 31.21
C ALA D 208 -14.85 -14.16 29.73
N LEU D 209 -15.40 -12.99 29.38
CA LEU D 209 -15.78 -12.73 27.99
C LEU D 209 -14.59 -12.62 27.07
N ARG D 210 -13.43 -12.20 27.58
CA ARG D 210 -12.25 -12.06 26.72
C ARG D 210 -11.92 -13.38 26.02
N TYR D 211 -12.10 -14.50 26.74
CA TYR D 211 -11.77 -15.80 26.17
C TYR D 211 -12.85 -16.30 25.23
N LEU D 212 -14.13 -16.08 25.58
CA LEU D 212 -15.20 -16.48 24.67
C LEU D 212 -15.04 -15.78 23.33
N ASN D 213 -14.60 -14.52 23.34
CA ASN D 213 -14.42 -13.80 22.09
C ASN D 213 -13.24 -14.34 21.27
N PHE D 214 -12.28 -15.03 21.91
CA PHE D 214 -11.32 -15.81 21.13
C PHE D 214 -11.98 -17.04 20.53
N PHE D 215 -12.81 -17.75 21.30
CA PHE D 215 -13.42 -18.98 20.80
C PHE D 215 -14.27 -18.72 19.55
N THR D 216 -14.96 -17.58 19.50
CA THR D 216 -15.87 -17.35 18.39
C THR D 216 -15.15 -17.01 17.10
N LYS D 217 -13.82 -16.90 17.12
CA LYS D 217 -13.06 -16.89 15.87
C LYS D 217 -13.25 -18.17 15.09
N ALA D 218 -13.80 -19.24 15.71
CA ALA D 218 -14.11 -20.48 15.02
C ALA D 218 -15.47 -20.46 14.32
N THR D 219 -16.24 -19.40 14.49
CA THR D 219 -17.58 -19.32 13.91
C THR D 219 -17.66 -19.71 12.42
N PRO D 220 -16.72 -19.33 11.54
CA PRO D 220 -16.85 -19.76 10.11
C PRO D 220 -16.86 -21.26 9.89
N LEU D 221 -16.41 -22.06 10.85
CA LEU D 221 -16.34 -23.52 10.65
C LEU D 221 -17.70 -24.17 10.71
N SER D 222 -18.69 -23.51 11.29
CA SER D 222 -19.96 -24.18 11.49
C SER D 222 -21.06 -23.15 11.71
N SER D 223 -22.26 -23.46 11.22
CA SER D 223 -23.38 -22.58 11.48
C SER D 223 -23.97 -22.82 12.86
N THR D 224 -23.50 -23.84 13.56
CA THR D 224 -23.98 -24.23 14.88
C THR D 224 -22.83 -24.24 15.89
N VAL D 225 -23.16 -23.92 17.14
CA VAL D 225 -22.24 -24.10 18.24
C VAL D 225 -23.01 -24.78 19.37
N THR D 226 -22.29 -25.56 20.17
CA THR D 226 -22.85 -26.24 21.34
C THR D 226 -22.12 -25.79 22.59
N LEU D 227 -22.87 -25.38 23.60
CA LEU D 227 -22.32 -25.05 24.91
C LEU D 227 -22.70 -26.14 25.90
N SER D 228 -21.72 -26.73 26.57
CA SER D 228 -21.97 -27.79 27.54
C SER D 228 -21.52 -27.34 28.92
N MET D 229 -22.41 -27.43 29.90
CA MET D 229 -22.19 -26.83 31.22
C MET D 229 -22.58 -27.77 32.35
N SER D 230 -21.78 -27.76 33.42
CA SER D 230 -22.13 -28.35 34.71
C SER D 230 -21.51 -27.48 35.78
N ALA D 231 -22.00 -27.62 37.01
CA ALA D 231 -21.47 -26.82 38.11
C ALA D 231 -20.01 -27.17 38.38
N ASP D 232 -19.20 -26.15 38.66
CA ASP D 232 -17.81 -26.25 39.08
C ASP D 232 -16.85 -26.83 38.03
N VAL D 233 -17.28 -27.08 36.80
CA VAL D 233 -16.39 -27.67 35.81
C VAL D 233 -16.30 -26.75 34.61
N PRO D 234 -15.26 -26.89 33.78
CA PRO D 234 -15.09 -25.97 32.66
C PRO D 234 -16.25 -26.05 31.68
N LEU D 235 -16.60 -24.89 31.12
CA LEU D 235 -17.50 -24.84 29.97
C LEU D 235 -16.82 -25.46 28.76
N VAL D 236 -17.59 -26.18 27.95
CA VAL D 236 -17.13 -26.66 26.63
C VAL D 236 -17.89 -25.91 25.54
N VAL D 237 -17.14 -25.27 24.64
CA VAL D 237 -17.68 -24.58 23.47
C VAL D 237 -17.20 -25.34 22.24
N GLU D 238 -18.10 -26.02 21.55
CA GLU D 238 -17.72 -26.95 20.50
C GLU D 238 -18.29 -26.53 19.14
N TYR D 239 -17.42 -26.53 18.12
CA TYR D 239 -17.78 -26.27 16.73
C TYR D 239 -17.50 -27.53 15.92
N LYS D 240 -18.51 -28.06 15.23
CA LYS D 240 -18.34 -29.22 14.37
CA LYS D 240 -18.33 -29.22 14.38
C LYS D 240 -17.66 -28.82 13.07
N ILE D 241 -16.72 -29.65 12.61
CA ILE D 241 -16.06 -29.48 11.32
C ILE D 241 -16.59 -30.60 10.45
N ALA D 242 -17.55 -30.28 9.57
CA ALA D 242 -18.46 -31.27 9.02
C ALA D 242 -17.72 -32.41 8.32
N ASP D 243 -18.14 -33.64 8.64
CA ASP D 243 -17.60 -34.85 8.03
C ASP D 243 -16.14 -35.07 8.38
N MET D 244 -15.71 -34.62 9.55
CA MET D 244 -14.28 -34.54 9.76
C MET D 244 -13.86 -34.56 11.23
N GLY D 245 -14.57 -33.82 12.08
CA GLY D 245 -14.15 -33.69 13.45
C GLY D 245 -14.72 -32.46 14.12
N HIS D 246 -13.91 -31.76 14.91
CA HIS D 246 -14.44 -30.67 15.71
C HIS D 246 -13.30 -29.84 16.27
N LEU D 247 -13.68 -28.63 16.69
CA LEU D 247 -12.86 -27.76 17.49
C LEU D 247 -13.61 -27.50 18.79
N LYS D 248 -12.99 -27.85 19.92
CA LYS D 248 -13.59 -27.72 21.24
C LYS D 248 -12.74 -26.76 22.07
N TYR D 249 -13.40 -25.80 22.71
CA TYR D 249 -12.75 -24.90 23.64
C TYR D 249 -13.28 -25.17 25.05
N TYR D 250 -12.36 -25.20 26.01
CA TYR D 250 -12.67 -25.40 27.42
C TYR D 250 -12.33 -24.11 28.18
N LEU D 251 -13.25 -23.66 29.03
CA LEU D 251 -13.05 -22.43 29.79
C LEU D 251 -13.41 -22.67 31.24
N ALA D 252 -12.47 -22.36 32.14
CA ALA D 252 -12.68 -22.56 33.57
C ALA D 252 -13.57 -21.45 34.13
N PRO D 253 -14.56 -21.80 34.95
CA PRO D 253 -15.45 -20.78 35.51
C PRO D 253 -14.72 -19.88 36.50
N LYS D 254 -15.39 -18.78 36.83
CA LYS D 254 -14.90 -17.87 37.84
C LYS D 254 -15.48 -18.26 39.19
N ILE D 255 -14.67 -18.06 40.24
CA ILE D 255 -14.95 -18.52 41.60
C ILE D 255 -15.32 -19.99 41.60
N GLN E 5 21.48 -4.68 -3.39
CA GLN E 5 20.55 -3.98 -4.29
C GLN E 5 21.22 -2.91 -5.15
N THR E 6 21.12 -3.12 -6.46
CA THR E 6 21.66 -2.30 -7.55
C THR E 6 20.99 -0.91 -7.57
N LEU E 7 21.61 0.04 -8.27
CA LEU E 7 21.01 1.33 -8.59
C LEU E 7 20.61 1.39 -10.06
N LEU E 8 19.62 2.27 -10.37
CA LEU E 8 19.04 2.38 -11.70
C LEU E 8 19.75 3.40 -12.60
N ASP E 9 20.46 4.36 -11.97
CA ASP E 9 20.99 5.55 -12.63
C ASP E 9 21.70 5.24 -13.94
N LEU E 10 22.60 4.27 -13.90
CA LEU E 10 23.56 4.02 -14.97
C LEU E 10 23.00 3.11 -16.04
N PHE E 11 22.11 2.19 -15.63
CA PHE E 11 21.32 1.42 -16.58
C PHE E 11 20.84 2.32 -17.70
N PHE E 12 20.22 3.44 -17.34
CA PHE E 12 19.89 4.50 -18.26
C PHE E 12 20.11 5.85 -17.60
N GLN F 5 -14.13 32.88 14.32
CA GLN F 5 -15.12 31.87 14.72
C GLN F 5 -15.94 32.31 15.94
N THR F 6 -17.21 32.63 15.68
CA THR F 6 -18.23 33.05 16.63
C THR F 6 -18.61 31.91 17.58
N LEU F 7 -19.54 32.17 18.50
CA LEU F 7 -20.16 31.13 19.36
C LEU F 7 -21.66 31.39 19.43
N LEU F 8 -22.40 30.53 20.16
CA LEU F 8 -23.82 30.28 19.86
C LEU F 8 -24.85 30.91 20.79
N ASP F 9 -24.65 30.91 22.13
CA ASP F 9 -25.65 31.60 22.98
C ASP F 9 -25.62 33.10 22.73
N LEU F 10 -24.46 33.59 22.30
CA LEU F 10 -24.28 34.81 21.54
C LEU F 10 -25.48 35.02 20.63
N PHE F 11 -25.87 33.96 19.91
CA PHE F 11 -26.99 34.01 18.96
C PHE F 11 -28.31 33.67 19.62
N PHE F 12 -28.35 32.68 20.51
CA PHE F 12 -29.56 32.55 21.29
C PHE F 12 -29.22 32.11 22.71
C1 GOL G . -8.62 2.19 -18.00
O1 GOL G . -7.61 1.23 -18.27
C2 GOL G . -9.65 1.79 -16.92
O2 GOL G . -9.12 0.80 -16.07
C3 GOL G . -9.96 3.00 -16.05
O3 GOL G . -11.29 3.04 -15.58
S SO4 H . 1.31 1.66 -25.88
O1 SO4 H . 1.11 3.07 -26.32
O2 SO4 H . 2.45 1.08 -26.58
O3 SO4 H . 1.56 1.58 -24.43
O4 SO4 H . 0.11 0.86 -26.15
S SO4 I . -17.21 7.49 -6.25
O1 SO4 I . -18.11 8.47 -6.87
O2 SO4 I . -15.97 8.13 -5.79
O3 SO4 I . -17.89 6.87 -5.12
O4 SO4 I . -16.89 6.46 -7.25
C1 GOL J . 50.39 8.83 -24.94
O1 GOL J . 50.99 7.60 -24.54
C2 GOL J . 49.11 9.13 -24.16
O2 GOL J . 49.46 9.89 -23.01
C3 GOL J . 48.18 9.96 -25.05
O3 GOL J . 47.00 10.36 -24.37
S SO4 K . 36.23 13.69 -27.72
O1 SO4 K . 34.83 14.10 -27.82
O2 SO4 K . 37.11 14.87 -27.64
O3 SO4 K . 36.42 12.96 -26.46
O4 SO4 K . 36.56 12.86 -28.91
S SO4 L . 59.01 -0.64 -21.85
O1 SO4 L . 59.44 -0.34 -23.23
O2 SO4 L . 60.18 -1.00 -21.05
O3 SO4 L . 58.39 0.57 -21.31
O4 SO4 L . 58.04 -1.74 -21.84
C1 GOL M . -35.03 4.51 9.45
O1 GOL M . -34.02 3.75 10.10
C2 GOL M . -34.65 5.99 9.38
O2 GOL M . -33.89 6.19 8.21
C3 GOL M . -35.94 6.84 9.30
O3 GOL M . -35.64 8.24 9.32
S SO4 N . -40.87 18.23 12.12
O1 SO4 N . -41.42 19.59 12.19
O2 SO4 N . -39.45 18.27 12.57
O3 SO4 N . -41.69 17.36 13.01
O4 SO4 N . -40.94 17.81 10.72
S SO4 O . -27.50 -5.69 12.57
O1 SO4 O . -27.77 -4.70 11.53
O2 SO4 O . -26.49 -6.65 12.12
O3 SO4 O . -26.99 -5.02 13.78
O4 SO4 O . -28.75 -6.41 12.81
C1 GOL P . -14.95 -24.89 6.13
O1 GOL P . -15.19 -24.38 4.83
C2 GOL P . -16.19 -25.36 6.89
O2 GOL P . -17.19 -25.78 5.99
C3 GOL P . -15.81 -26.54 7.82
O3 GOL P . -16.89 -27.05 8.57
S SO4 Q . -17.20 -35.57 16.49
O1 SO4 Q . -18.04 -35.52 15.29
O2 SO4 Q . -15.87 -36.13 16.17
O3 SO4 Q . -17.03 -34.20 16.99
O4 SO4 Q . -17.84 -36.38 17.52
S SO4 R . -9.25 -15.98 -1.35
O1 SO4 R . -9.31 -14.56 -1.72
O2 SO4 R . -8.05 -16.22 -0.54
O3 SO4 R . -10.47 -16.33 -0.61
O4 SO4 R . -9.24 -16.80 -2.57
#